data_6URC
#
_entry.id   6URC
#
_cell.length_a   67.120
_cell.length_b   84.660
_cell.length_c   175.510
_cell.angle_alpha   90.000
_cell.angle_beta   90.000
_cell.angle_gamma   90.000
#
_symmetry.space_group_name_H-M   'P 21 21 21'
#
loop_
_entity.id
_entity.type
_entity.pdbx_description
1 polymer 'Serine/threonine-protein kinase/endoribonuclease IRE1'
2 non-polymer 2-chloro-N-(6-methyl-5-{[3-(2-{[(3S)-piperidin-3-yl]amino}pyrimidin-4-yl)pyridin-2-yl]oxy}naphthalen-1-yl)benzene-1-sulfonamide
3 non-polymer GLYCEROL
4 water water
#
_entity_poly.entity_id   1
_entity_poly.type   'polypeptide(L)'
_entity_poly.pdbx_seq_one_letter_code
;GSSPSLEQDDGDEETSVVIVGKISFCPKDVLGHGAEGTIVYRGMFDNRDVAVKRILPECFSFADREVQLLRESDEHPNVI
RYFCTEKDRQFQYIAIELCAATLQEYVEQKDFAHLGLEPITLLQQTTSGLAHLHSLNIVHRDLKPHNILISMPNAHGKIK
AMISDFGLCKKLAVGRHSFSRRSGVPGTEGWIAPEMLSEDCKENPTYTVDIFSAGCVFYYVISEGSHPFGKSLQRQANIL
LGACSLDCLHPEKHEDVIARELIEKMIAMDPQKRPSAKHVLKHPFFWSLEKQLQFFQDVSDRIEKESLDGPIVKQLERGG
RAVVKMDWRENITVPLQTDLRKFRTYKGGSVRDLLRAMRNKKHHYRELPAEVRETLGSLPDDFVCYFTSRFPHLLAHTYR
AMELCSHERLFQPYYFHEPPEPQPPVTPDALGNS
;
_entity_poly.pdbx_strand_id   A,B
#
loop_
_chem_comp.id
_chem_comp.type
_chem_comp.name
_chem_comp.formula
GOL non-polymer GLYCEROL 'C3 H8 O3'
QFV non-polymer 2-chloro-N-(6-methyl-5-{[3-(2-{[(3S)-piperidin-3-yl]amino}pyrimidin-4-yl)pyridin-2-yl]oxy}naphthalen-1-yl)benzene-1-sulfonamide 'C31 H29 Cl N6 O3 S'
#
# COMPACT_ATOMS: atom_id res chain seq x y z
N GLU A 14 24.87 26.55 29.00
CA GLU A 14 23.74 25.62 29.00
C GLU A 14 22.44 26.36 28.68
N THR A 15 22.54 27.63 28.34
CA THR A 15 21.38 28.39 27.87
C THR A 15 21.63 28.96 26.47
N SER A 16 22.76 28.58 25.87
CA SER A 16 23.10 29.04 24.53
C SER A 16 22.36 28.24 23.45
N VAL A 17 22.30 28.83 22.26
CA VAL A 17 21.77 28.13 21.10
C VAL A 17 22.87 28.09 20.04
N VAL A 18 23.22 26.88 19.62
CA VAL A 18 24.13 26.71 18.50
C VAL A 18 23.36 26.89 17.19
N ILE A 19 23.89 27.72 16.30
CA ILE A 19 23.29 27.90 14.99
C ILE A 19 24.28 27.53 13.88
N VAL A 20 23.98 26.50 13.12
CA VAL A 20 24.84 26.08 12.03
C VAL A 20 24.04 25.91 10.74
N GLY A 21 24.15 26.87 9.85
CA GLY A 21 23.34 26.87 8.65
C GLY A 21 21.87 26.90 9.02
N LYS A 22 21.12 25.91 8.53
CA LYS A 22 19.70 25.83 8.79
C LYS A 22 19.36 25.06 10.07
N ILE A 23 20.36 24.50 10.74
CA ILE A 23 20.15 23.76 11.97
C ILE A 23 20.47 24.60 13.23
N SER A 24 19.55 24.63 14.18
CA SER A 24 19.84 25.22 15.48
C SER A 24 19.33 24.34 16.62
N PHE A 25 20.04 24.39 17.74
CA PHE A 25 19.67 23.62 18.92
C PHE A 25 20.30 24.20 20.17
N CYS A 26 19.72 23.91 21.33
CA CYS A 26 20.35 24.20 22.60
C CYS A 26 21.05 22.96 23.12
N PRO A 27 22.35 23.05 23.41
CA PRO A 27 23.13 21.86 23.77
C PRO A 27 22.64 21.19 25.04
N LYS A 28 21.79 21.88 25.80
CA LYS A 28 21.26 21.32 27.04
C LYS A 28 20.25 20.22 26.73
N ASP A 29 19.68 20.25 25.52
CA ASP A 29 18.61 19.35 25.15
C ASP A 29 19.12 18.06 24.51
N VAL A 30 19.89 17.29 25.29
CA VAL A 30 20.44 16.03 24.81
C VAL A 30 19.37 14.96 24.75
N LEU A 31 19.24 14.32 23.60
CA LEU A 31 18.28 13.23 23.44
C LEU A 31 18.95 11.87 23.68
N GLY A 32 20.24 11.80 23.44
CA GLY A 32 20.99 10.58 23.65
C GLY A 32 22.43 10.67 23.22
N HIS A 33 23.14 9.55 23.30
CA HIS A 33 24.54 9.49 22.91
C HIS A 33 24.80 8.35 21.92
N GLY A 34 25.60 8.64 20.89
CA GLY A 34 26.04 7.63 19.97
C GLY A 34 27.42 7.14 20.37
N ALA A 35 28.13 6.51 19.44
CA ALA A 35 29.49 6.04 19.71
C ALA A 35 30.51 7.09 19.29
N GLU A 36 31.67 7.05 19.94
CA GLU A 36 32.80 7.93 19.62
C GLU A 36 32.49 9.41 19.80
N GLY A 37 31.92 9.76 20.94
CA GLY A 37 31.66 11.15 21.26
C GLY A 37 30.50 11.77 20.49
N THR A 38 29.73 10.92 19.83
CA THR A 38 28.54 11.37 19.13
C THR A 38 27.39 11.67 20.08
N ILE A 39 26.77 12.83 19.91
CA ILE A 39 25.66 13.24 20.74
C ILE A 39 24.48 13.59 19.84
N VAL A 40 23.27 13.26 20.29
CA VAL A 40 22.06 13.65 19.58
C VAL A 40 21.27 14.65 20.41
N TYR A 41 20.94 15.79 19.81
CA TYR A 41 20.16 16.83 20.45
C TYR A 41 18.77 16.99 19.81
N ARG A 42 17.82 17.50 20.58
CA ARG A 42 16.59 18.05 20.00
C ARG A 42 16.85 19.50 19.60
N GLY A 43 16.55 19.81 18.33
CA GLY A 43 16.73 21.17 17.85
C GLY A 43 15.68 21.51 16.81
N MET A 44 16.03 22.39 15.88
CA MET A 44 15.04 22.84 14.91
C MET A 44 15.63 23.05 13.52
N PHE A 45 14.79 22.82 12.51
CA PHE A 45 15.17 22.99 11.12
C PHE A 45 13.92 23.33 10.32
N ASP A 46 13.99 24.39 9.52
CA ASP A 46 12.89 24.73 8.62
C ASP A 46 11.57 24.87 9.41
N ASN A 47 11.65 25.46 10.60
CA ASN A 47 10.49 25.61 11.50
C ASN A 47 9.88 24.28 11.92
N ARG A 48 10.70 23.24 11.90
CA ARG A 48 10.26 21.92 12.34
C ARG A 48 11.12 21.51 13.52
N ASP A 49 10.61 20.59 14.34
CA ASP A 49 11.41 19.94 15.36
C ASP A 49 12.22 18.85 14.69
N VAL A 50 13.50 18.75 15.06
CA VAL A 50 14.39 17.71 14.51
C VAL A 50 15.23 17.08 15.62
N ALA A 51 15.76 15.89 15.34
CA ALA A 51 16.86 15.38 16.15
C ALA A 51 18.13 15.68 15.36
N VAL A 52 19.14 16.16 16.07
CA VAL A 52 20.40 16.54 15.47
C VAL A 52 21.54 15.71 16.03
N LYS A 53 22.20 14.92 15.19
CA LYS A 53 23.40 14.21 15.58
C LYS A 53 24.64 15.08 15.35
N ARG A 54 25.46 15.27 16.38
CA ARG A 54 26.70 16.02 16.20
C ARG A 54 27.88 15.05 16.10
N ILE A 55 28.73 15.26 15.09
CA ILE A 55 29.82 14.34 14.77
C ILE A 55 31.19 14.97 14.99
N LEU A 56 32.08 14.24 15.64
CA LEU A 56 33.45 14.69 15.91
C LEU A 56 34.36 14.43 14.71
N PRO A 57 35.41 15.25 14.54
CA PRO A 57 36.33 15.17 13.41
C PRO A 57 36.79 13.76 13.06
N GLU A 58 37.00 12.92 14.06
CA GLU A 58 37.44 11.55 13.84
C GLU A 58 36.45 10.74 12.99
N CYS A 59 35.18 11.17 12.99
CA CYS A 59 34.15 10.39 12.33
C CYS A 59 33.56 11.08 11.09
N PHE A 60 34.19 12.16 10.65
CA PHE A 60 33.67 12.93 9.52
C PHE A 60 33.52 12.10 8.24
N SER A 61 34.57 11.37 7.88
CA SER A 61 34.54 10.57 6.66
C SER A 61 33.53 9.44 6.77
N PHE A 62 33.47 8.81 7.94
CA PHE A 62 32.49 7.76 8.15
C PHE A 62 31.05 8.29 8.05
N ALA A 63 30.78 9.43 8.67
CA ALA A 63 29.45 10.02 8.60
C ALA A 63 29.10 10.40 7.17
N ASP A 64 30.06 10.94 6.42
CA ASP A 64 29.85 11.25 5.01
C ASP A 64 29.45 10.02 4.18
N ARG A 65 30.15 8.90 4.39
CA ARG A 65 29.83 7.67 3.66
C ARG A 65 28.40 7.20 3.94
N GLU A 66 27.96 7.31 5.19
CA GLU A 66 26.60 6.95 5.58
C GLU A 66 25.54 7.80 4.87
N VAL A 67 25.78 9.11 4.91
CA VAL A 67 24.90 10.09 4.28
C VAL A 67 24.80 9.83 2.78
N GLN A 68 25.93 9.50 2.18
CA GLN A 68 26.02 9.26 0.75
C GLN A 68 25.22 8.00 0.38
N LEU A 69 25.36 6.97 1.21
CA LEU A 69 24.58 5.75 1.05
C LEU A 69 23.08 6.05 1.11
N LEU A 70 22.68 6.92 2.03
CA LEU A 70 21.28 7.32 2.08
C LEU A 70 20.94 8.24 0.91
N ARG A 71 21.88 9.08 0.49
CA ARG A 71 21.66 9.99 -0.64
C ARG A 71 21.44 9.23 -1.95
N GLU A 72 22.15 8.12 -2.14
CA GLU A 72 22.08 7.32 -3.36
C GLU A 72 20.92 6.35 -3.40
N SER A 73 20.46 5.94 -2.22
CA SER A 73 19.47 4.88 -2.12
C SER A 73 18.06 5.41 -2.25
N ASP A 74 17.21 4.66 -2.97
CA ASP A 74 15.78 4.92 -3.00
C ASP A 74 15.25 5.11 -1.58
N GLU A 75 14.38 6.09 -1.39
CA GLU A 75 13.78 6.32 -0.08
C GLU A 75 12.66 5.31 0.16
N HIS A 76 12.24 5.18 1.41
CA HIS A 76 11.16 4.29 1.80
C HIS A 76 10.54 4.86 3.07
N PRO A 77 9.20 4.82 3.20
CA PRO A 77 8.56 5.45 4.37
C PRO A 77 9.08 4.90 5.69
N ASN A 78 9.56 3.66 5.70
CA ASN A 78 9.99 3.01 6.94
C ASN A 78 11.51 2.92 7.06
N VAL A 79 12.22 3.69 6.24
CA VAL A 79 13.64 3.88 6.40
C VAL A 79 13.87 5.37 6.67
N ILE A 80 14.58 5.68 7.77
CA ILE A 80 14.84 7.06 8.13
C ILE A 80 15.46 7.85 6.94
N ARG A 81 15.10 9.12 6.87
CA ARG A 81 15.56 10.01 5.81
C ARG A 81 16.13 11.25 6.47
N TYR A 82 17.31 11.70 6.06
CA TYR A 82 17.88 12.90 6.66
C TYR A 82 17.24 14.15 6.06
N PHE A 83 17.12 15.19 6.88
CA PHE A 83 16.51 16.44 6.46
C PHE A 83 17.55 17.44 5.98
N CYS A 84 18.70 17.41 6.63
CA CYS A 84 19.70 18.45 6.49
C CYS A 84 21.05 17.96 7.01
N THR A 85 22.12 18.41 6.36
CA THR A 85 23.46 18.24 6.92
C THR A 85 24.10 19.61 6.94
N GLU A 86 24.93 19.83 7.95
CA GLU A 86 25.66 21.08 8.08
C GLU A 86 27.04 20.77 8.62
N LYS A 87 27.95 21.71 8.46
CA LYS A 87 29.31 21.53 8.94
C LYS A 87 29.92 22.88 9.27
N ASP A 88 30.47 22.99 10.49
CA ASP A 88 31.23 24.18 10.84
C ASP A 88 32.71 23.83 10.96
N ARG A 89 33.44 24.61 11.74
CA ARG A 89 34.88 24.43 11.84
C ARG A 89 35.25 23.25 12.74
N GLN A 90 34.34 22.87 13.64
CA GLN A 90 34.69 21.89 14.66
C GLN A 90 33.87 20.60 14.59
N PHE A 91 32.68 20.65 13.98
CA PHE A 91 31.79 19.50 13.98
C PHE A 91 31.01 19.36 12.67
N GLN A 92 30.47 18.17 12.44
CA GLN A 92 29.46 17.99 11.40
C GLN A 92 28.13 17.66 12.08
N TYR A 93 27.03 17.93 11.38
CA TYR A 93 25.69 17.81 11.97
C TYR A 93 24.73 17.13 11.00
N ILE A 94 23.90 16.25 11.52
CA ILE A 94 22.85 15.62 10.72
C ILE A 94 21.51 15.74 11.43
N ALA A 95 20.53 16.35 10.76
CA ALA A 95 19.19 16.49 11.29
C ALA A 95 18.23 15.49 10.68
N ILE A 96 17.50 14.77 11.52
CA ILE A 96 16.41 13.93 11.06
C ILE A 96 15.12 14.34 11.77
N GLU A 97 13.99 13.78 11.35
CA GLU A 97 12.72 14.17 11.95
C GLU A 97 12.67 13.77 13.41
N LEU A 98 12.12 14.65 14.25
CA LEU A 98 11.92 14.34 15.66
C LEU A 98 10.78 13.34 15.78
N CYS A 99 11.04 12.23 16.46
CA CYS A 99 10.04 11.18 16.60
C CYS A 99 9.47 11.16 18.02
N ALA A 100 8.38 10.42 18.21
CA ALA A 100 7.75 10.32 19.53
C ALA A 100 8.57 9.45 20.48
N ALA A 101 9.04 8.33 19.95
CA ALA A 101 9.73 7.33 20.76
C ALA A 101 10.59 6.40 19.93
N THR A 102 11.58 5.77 20.57
CA THR A 102 12.20 4.59 20.01
C THR A 102 11.22 3.47 20.25
N LEU A 103 11.41 2.34 19.58
CA LEU A 103 10.56 1.17 19.84
C LEU A 103 10.76 0.67 21.26
N GLN A 104 11.97 0.84 21.80
CA GLN A 104 12.23 0.44 23.19
C GLN A 104 11.33 1.20 24.16
N GLU A 105 11.29 2.52 24.02
CA GLU A 105 10.45 3.37 24.87
C GLU A 105 8.95 3.08 24.68
N TYR A 106 8.54 2.85 23.44
CA TYR A 106 7.15 2.50 23.14
C TYR A 106 6.71 1.24 23.89
N VAL A 107 7.56 0.21 23.82
CA VAL A 107 7.29 -1.06 24.48
C VAL A 107 7.29 -0.89 26.00
N GLU A 108 8.20 -0.08 26.53
CA GLU A 108 8.32 0.09 27.97
C GLU A 108 7.19 0.91 28.58
N GLN A 109 6.73 1.92 27.84
CA GLN A 109 5.86 2.95 28.40
C GLN A 109 4.38 2.83 28.04
N LYS A 110 4.06 2.37 26.83
CA LYS A 110 2.69 2.42 26.34
C LYS A 110 1.83 1.25 26.81
N ASP A 111 0.60 1.57 27.24
CA ASP A 111 -0.41 0.55 27.52
C ASP A 111 -0.89 -0.02 26.20
N PHE A 112 -0.80 -1.34 26.02
CA PHE A 112 -1.20 -1.96 24.76
C PHE A 112 -2.71 -2.26 24.73
N ALA A 113 -3.34 -2.11 25.89
CA ALA A 113 -4.75 -2.50 26.08
C ALA A 113 -5.70 -2.05 24.97
N HIS A 114 -5.56 -0.83 24.49
CA HIS A 114 -6.49 -0.32 23.49
C HIS A 114 -5.81 0.10 22.19
N LEU A 115 -4.56 -0.30 22.02
CA LEU A 115 -3.82 0.07 20.82
C LEU A 115 -4.13 -0.87 19.66
N GLY A 116 -4.87 -1.94 19.94
CA GLY A 116 -5.28 -2.89 18.91
C GLY A 116 -4.12 -3.50 18.14
N LEU A 117 -4.14 -3.34 16.82
CA LEU A 117 -3.14 -3.93 15.94
C LEU A 117 -1.93 -3.04 15.72
N GLU A 118 -1.90 -1.87 16.35
CA GLU A 118 -0.81 -0.92 16.14
C GLU A 118 0.58 -1.54 16.37
N PRO A 119 0.80 -2.27 17.49
CA PRO A 119 2.15 -2.81 17.67
C PRO A 119 2.56 -3.79 16.57
N ILE A 120 1.58 -4.56 16.08
CA ILE A 120 1.79 -5.46 14.96
C ILE A 120 2.09 -4.70 13.68
N THR A 121 1.42 -3.56 13.47
CA THR A 121 1.67 -2.80 12.25
C THR A 121 3.09 -2.21 12.28
N LEU A 122 3.61 -1.88 13.47
CA LEU A 122 4.98 -1.37 13.59
C LEU A 122 6.00 -2.43 13.23
N LEU A 123 5.71 -3.70 13.54
CA LEU A 123 6.59 -4.78 13.12
C LEU A 123 6.49 -4.98 11.61
N GLN A 124 5.28 -4.86 11.06
CA GLN A 124 5.06 -5.00 9.63
C GLN A 124 5.79 -3.89 8.88
N GLN A 125 5.73 -2.69 9.43
CA GLN A 125 6.44 -1.55 8.87
C GLN A 125 7.95 -1.72 8.99
N THR A 126 8.42 -2.26 10.12
CA THR A 126 9.85 -2.55 10.28
C THR A 126 10.33 -3.59 9.26
N THR A 127 9.49 -4.58 8.98
CA THR A 127 9.89 -5.62 8.04
C THR A 127 9.94 -5.07 6.60
N SER A 128 9.06 -4.12 6.28
CA SER A 128 9.05 -3.48 4.97
C SER A 128 10.30 -2.63 4.74
N GLY A 129 10.68 -1.83 5.75
CA GLY A 129 11.92 -1.07 5.69
C GLY A 129 13.12 -1.97 5.48
N LEU A 130 13.14 -3.10 6.18
CA LEU A 130 14.18 -4.12 6.05
C LEU A 130 14.20 -4.75 4.66
N ALA A 131 13.02 -5.16 4.17
CA ALA A 131 12.90 -5.71 2.83
C ALA A 131 13.44 -4.71 1.81
N HIS A 132 13.14 -3.44 2.01
CA HIS A 132 13.64 -2.37 1.14
C HIS A 132 15.17 -2.32 1.15
N LEU A 133 15.77 -2.33 2.33
CA LEU A 133 17.23 -2.30 2.46
C LEU A 133 17.85 -3.52 1.77
N HIS A 134 17.31 -4.69 2.04
CA HIS A 134 17.84 -5.93 1.49
C HIS A 134 17.73 -5.92 -0.04
N SER A 135 16.67 -5.33 -0.58
CA SER A 135 16.51 -5.26 -2.03
C SER A 135 17.52 -4.28 -2.64
N LEU A 136 18.14 -3.46 -1.81
CA LEU A 136 19.21 -2.60 -2.26
C LEU A 136 20.59 -3.18 -1.95
N ASN A 137 20.63 -4.47 -1.58
CA ASN A 137 21.87 -5.18 -1.23
C ASN A 137 22.57 -4.58 -0.02
N ILE A 138 21.77 -4.04 0.90
CA ILE A 138 22.28 -3.50 2.15
C ILE A 138 21.86 -4.41 3.28
N VAL A 139 22.83 -4.80 4.08
CA VAL A 139 22.60 -5.54 5.32
C VAL A 139 22.73 -4.58 6.49
N HIS A 140 21.76 -4.58 7.40
CA HIS A 140 21.78 -3.58 8.46
C HIS A 140 22.76 -3.94 9.57
N ARG A 141 22.60 -5.14 10.14
CA ARG A 141 23.48 -5.74 11.18
C ARG A 141 23.35 -5.15 12.59
N ASP A 142 22.41 -4.23 12.80
CA ASP A 142 22.29 -3.65 14.13
C ASP A 142 20.86 -3.30 14.48
N LEU A 143 19.92 -4.09 13.96
CA LEU A 143 18.51 -3.95 14.30
C LEU A 143 18.25 -4.23 15.77
N LYS A 144 17.65 -3.25 16.44
CA LYS A 144 17.26 -3.39 17.85
C LYS A 144 16.17 -2.36 18.18
N PRO A 145 15.38 -2.61 19.24
CA PRO A 145 14.31 -1.68 19.63
C PRO A 145 14.80 -0.24 19.83
N HIS A 146 16.03 -0.08 20.30
CA HIS A 146 16.58 1.26 20.50
C HIS A 146 16.65 2.06 19.21
N ASN A 147 16.99 1.45 18.08
CA ASN A 147 17.13 2.25 16.86
C ASN A 147 16.05 2.02 15.80
N ILE A 148 14.91 1.48 16.23
CA ILE A 148 13.69 1.57 15.44
C ILE A 148 12.88 2.74 15.98
N LEU A 149 12.66 3.76 15.17
CA LEU A 149 12.05 5.01 15.64
C LEU A 149 10.57 5.04 15.28
N ILE A 150 9.77 5.54 16.22
CA ILE A 150 8.32 5.66 16.08
C ILE A 150 7.93 7.14 15.89
N SER A 151 7.38 7.46 14.73
CA SER A 151 6.98 8.83 14.40
C SER A 151 5.87 9.39 15.28
N MET A 152 5.80 10.73 15.30
CA MET A 152 4.63 11.44 15.79
C MET A 152 3.40 11.07 14.97
N PRO A 153 2.20 11.13 15.58
CA PRO A 153 0.98 10.90 14.80
C PRO A 153 0.80 11.96 13.68
N ASN A 154 0.31 11.53 12.54
CA ASN A 154 -0.07 12.45 11.49
C ASN A 154 -1.47 13.01 11.77
N ALA A 155 -2.11 13.59 10.77
CA ALA A 155 -3.39 14.27 10.96
C ALA A 155 -4.52 13.31 11.36
N HIS A 156 -4.37 12.02 11.02
CA HIS A 156 -5.42 11.04 11.35
C HIS A 156 -4.98 10.07 12.43
N GLY A 157 -3.98 10.45 13.22
CA GLY A 157 -3.55 9.64 14.35
C GLY A 157 -2.68 8.44 14.04
N LYS A 158 -2.26 8.28 12.78
CA LYS A 158 -1.44 7.13 12.40
C LYS A 158 0.03 7.39 12.69
N ILE A 159 0.74 6.35 13.14
CA ILE A 159 2.17 6.42 13.37
C ILE A 159 2.87 5.38 12.53
N LYS A 160 4.18 5.50 12.40
CA LYS A 160 4.93 4.51 11.65
C LYS A 160 6.31 4.26 12.24
N ALA A 161 6.82 3.06 11.98
CA ALA A 161 8.15 2.67 12.38
C ALA A 161 9.18 3.05 11.30
N MET A 162 10.35 3.49 11.72
CA MET A 162 11.42 3.80 10.79
C MET A 162 12.74 3.22 11.28
N ILE A 163 13.41 2.48 10.40
CA ILE A 163 14.75 1.95 10.66
C ILE A 163 15.80 3.06 10.59
N SER A 164 16.71 3.11 11.56
CA SER A 164 17.81 4.07 11.54
C SER A 164 19.13 3.39 11.98
N ASP A 165 20.16 4.20 12.25
CA ASP A 165 21.44 3.73 12.79
C ASP A 165 22.16 2.83 11.80
N PHE A 166 22.69 3.43 10.74
CA PHE A 166 23.36 2.70 9.67
C PHE A 166 24.88 2.55 9.81
N GLY A 167 25.39 2.79 11.02
CA GLY A 167 26.81 2.72 11.29
C GLY A 167 27.47 1.35 11.15
N LEU A 168 26.69 0.28 11.11
CA LEU A 168 27.26 -1.08 10.99
C LEU A 168 26.85 -1.75 9.68
N CYS A 169 26.11 -1.02 8.86
CA CYS A 169 25.54 -1.62 7.67
C CYS A 169 26.59 -1.88 6.62
N LYS A 170 26.30 -2.85 5.75
CA LYS A 170 27.17 -3.17 4.65
C LYS A 170 26.37 -3.17 3.35
N LYS A 171 26.77 -2.34 2.41
CA LYS A 171 26.26 -2.49 1.05
C LYS A 171 27.14 -3.48 0.31
N LEU A 172 26.56 -4.62 -0.05
CA LEU A 172 27.32 -5.66 -0.72
C LEU A 172 27.46 -5.31 -2.18
N ALA A 173 28.64 -5.60 -2.74
CA ALA A 173 28.90 -5.32 -4.15
C ALA A 173 27.90 -6.07 -5.02
N VAL A 174 27.75 -5.60 -6.26
CA VAL A 174 26.87 -6.25 -7.21
C VAL A 174 27.35 -7.68 -7.46
N GLY A 175 26.43 -8.64 -7.34
CA GLY A 175 26.78 -10.05 -7.52
C GLY A 175 27.29 -10.74 -6.27
N ARG A 176 27.38 -10.00 -5.16
CA ARG A 176 27.82 -10.57 -3.89
C ARG A 176 26.63 -10.75 -2.96
N HIS A 177 26.56 -11.89 -2.28
CA HIS A 177 25.39 -12.22 -1.50
C HIS A 177 25.70 -12.51 -0.04
N SER A 178 26.97 -12.35 0.35
CA SER A 178 27.36 -12.55 1.74
C SER A 178 28.59 -11.74 2.09
N PHE A 179 28.92 -11.72 3.38
CA PHE A 179 30.14 -11.08 3.87
C PHE A 179 30.78 -12.01 4.89
N SER A 180 32.12 -12.00 4.95
CA SER A 180 32.83 -12.90 5.85
C SER A 180 33.11 -12.26 7.19
N ARG A 181 33.30 -13.11 8.18
CA ARG A 181 33.54 -12.66 9.54
C ARG A 181 34.93 -12.04 9.69
N ARG A 182 35.01 -11.00 10.52
CA ARG A 182 36.27 -10.37 10.90
C ARG A 182 36.36 -10.37 12.42
N SER A 183 37.50 -9.93 12.95
CA SER A 183 37.70 -9.88 14.39
C SER A 183 36.77 -8.87 15.05
N GLY A 184 36.46 -7.79 14.35
CA GLY A 184 35.78 -6.64 14.94
C GLY A 184 34.27 -6.68 15.21
N VAL A 185 33.69 -5.48 15.33
CA VAL A 185 32.31 -5.27 15.80
C VAL A 185 31.22 -5.99 15.01
N PRO A 186 30.58 -6.98 15.65
CA PRO A 186 29.55 -7.78 14.99
C PRO A 186 28.11 -7.27 15.20
N GLY A 187 27.91 -6.30 16.09
CA GLY A 187 26.58 -5.77 16.36
C GLY A 187 26.38 -5.26 17.78
N THR A 188 25.18 -5.46 18.33
CA THR A 188 24.92 -5.11 19.74
C THR A 188 24.64 -6.37 20.56
N GLU A 189 25.37 -6.52 21.66
CA GLU A 189 25.24 -7.69 22.52
C GLU A 189 23.79 -8.02 22.83
N GLY A 190 23.41 -9.27 22.56
CA GLY A 190 22.06 -9.72 22.84
C GLY A 190 21.16 -9.74 21.62
N TRP A 191 21.66 -9.19 20.51
CA TRP A 191 20.87 -9.12 19.27
C TRP A 191 21.69 -9.63 18.09
N ILE A 192 22.86 -10.19 18.37
CA ILE A 192 23.77 -10.66 17.32
C ILE A 192 23.45 -12.10 16.92
N ALA A 193 23.22 -12.34 15.63
CA ALA A 193 22.86 -13.68 15.16
C ALA A 193 24.02 -14.62 15.38
N PRO A 194 23.73 -15.90 15.67
CA PRO A 194 24.76 -16.85 16.14
C PRO A 194 25.90 -17.11 15.16
N GLU A 195 25.64 -17.03 13.86
CA GLU A 195 26.68 -17.28 12.86
C GLU A 195 27.73 -16.16 12.82
N MET A 196 27.51 -15.08 13.56
CA MET A 196 28.53 -14.05 13.69
C MET A 196 29.60 -14.44 14.72
N LEU A 197 29.25 -15.33 15.64
CA LEU A 197 30.11 -15.62 16.78
C LEU A 197 30.39 -17.11 17.03
N SER A 198 29.62 -17.99 16.39
CA SER A 198 29.74 -19.41 16.66
C SER A 198 31.08 -19.99 16.18
N GLU A 199 31.40 -21.20 16.66
CA GLU A 199 32.73 -21.78 16.49
C GLU A 199 32.90 -22.59 15.22
N ASP A 200 31.89 -23.40 14.88
CA ASP A 200 32.01 -24.31 13.75
C ASP A 200 31.19 -23.86 12.55
N CYS A 201 31.06 -22.55 12.38
CA CYS A 201 30.23 -21.98 11.33
C CYS A 201 30.92 -22.07 9.96
N LYS A 202 30.31 -22.80 9.03
CA LYS A 202 30.94 -23.05 7.74
C LYS A 202 30.29 -22.31 6.59
N GLU A 203 29.55 -21.25 6.92
CA GLU A 203 28.88 -20.44 5.89
C GLU A 203 28.99 -18.95 6.28
N ASN A 204 29.31 -18.11 5.30
CA ASN A 204 29.35 -16.66 5.52
C ASN A 204 28.01 -16.12 6.02
N PRO A 205 28.06 -15.14 6.94
CA PRO A 205 26.86 -14.35 7.24
C PRO A 205 26.27 -13.69 6.01
N THR A 206 24.96 -13.49 5.99
CA THR A 206 24.33 -12.77 4.89
C THR A 206 23.10 -11.99 5.39
N TYR A 207 22.14 -11.72 4.51
CA TYR A 207 21.00 -10.88 4.87
C TYR A 207 20.26 -11.40 6.09
N THR A 208 20.33 -12.69 6.33
CA THR A 208 19.53 -13.33 7.37
C THR A 208 19.98 -12.99 8.79
N VAL A 209 21.13 -12.35 8.96
CA VAL A 209 21.47 -11.93 10.33
C VAL A 209 20.45 -10.89 10.78
N ASP A 210 19.91 -10.13 9.82
CA ASP A 210 18.90 -9.12 10.10
C ASP A 210 17.58 -9.76 10.50
N ILE A 211 17.29 -10.94 9.96
CA ILE A 211 16.05 -11.65 10.26
C ILE A 211 16.06 -12.22 11.68
N PHE A 212 17.22 -12.71 12.11
CA PHE A 212 17.37 -13.17 13.49
C PHE A 212 17.08 -12.04 14.49
N SER A 213 17.77 -10.92 14.33
CA SER A 213 17.54 -9.73 15.14
C SER A 213 16.06 -9.31 15.14
N ALA A 214 15.48 -9.19 13.93
CA ALA A 214 14.07 -8.82 13.82
C ALA A 214 13.16 -9.82 14.53
N GLY A 215 13.51 -11.10 14.45
CA GLY A 215 12.76 -12.14 15.15
C GLY A 215 12.72 -11.86 16.64
N CYS A 216 13.89 -11.51 17.19
CA CYS A 216 14.00 -11.11 18.59
C CYS A 216 13.15 -9.87 18.85
N VAL A 217 13.21 -8.87 17.94
CA VAL A 217 12.40 -7.66 18.05
C VAL A 217 10.90 -7.96 18.05
N PHE A 218 10.47 -8.89 17.20
CA PHE A 218 9.06 -9.30 17.14
C PHE A 218 8.59 -9.77 18.51
N TYR A 219 9.37 -10.68 19.11
CA TYR A 219 8.99 -11.24 20.40
C TYR A 219 9.02 -10.18 21.50
N TYR A 220 10.03 -9.31 21.43
CA TYR A 220 10.15 -8.18 22.35
C TYR A 220 8.89 -7.33 22.35
N VAL A 221 8.34 -7.06 21.15
CA VAL A 221 7.12 -6.26 21.07
C VAL A 221 5.89 -6.99 21.60
N ILE A 222 5.59 -8.19 21.09
CA ILE A 222 4.34 -8.84 21.49
C ILE A 222 4.37 -9.38 22.94
N SER A 223 5.56 -9.64 23.47
CA SER A 223 5.68 -10.01 24.90
C SER A 223 5.85 -8.79 25.77
N GLU A 224 5.87 -7.62 25.15
CA GLU A 224 6.06 -6.34 25.84
C GLU A 224 7.27 -6.34 26.79
N GLY A 225 8.43 -6.74 26.28
CA GLY A 225 9.67 -6.52 27.00
C GLY A 225 10.59 -7.72 27.15
N SER A 226 10.05 -8.90 26.88
CA SER A 226 10.86 -10.12 26.92
C SER A 226 11.69 -10.32 25.66
N HIS A 227 12.62 -11.25 25.73
CA HIS A 227 13.56 -11.53 24.68
C HIS A 227 13.68 -13.05 24.60
N PRO A 228 13.68 -13.61 23.38
CA PRO A 228 13.71 -15.07 23.25
C PRO A 228 14.91 -15.72 23.93
N PHE A 229 15.98 -14.95 24.14
CA PHE A 229 17.17 -15.54 24.71
C PHE A 229 17.48 -15.04 26.13
N GLY A 230 16.45 -14.59 26.85
CA GLY A 230 16.57 -14.27 28.26
C GLY A 230 16.85 -12.83 28.61
N LYS A 231 17.20 -12.58 29.85
CA LYS A 231 17.56 -11.23 30.31
C LYS A 231 18.93 -10.83 29.78
N SER A 232 19.14 -9.53 29.66
CA SER A 232 20.24 -8.99 28.85
C SER A 232 21.62 -9.54 29.18
N LEU A 233 21.88 -9.80 30.46
CA LEU A 233 23.19 -10.30 30.86
C LEU A 233 23.46 -11.74 30.37
N GLN A 234 22.40 -12.49 30.05
CA GLN A 234 22.57 -13.88 29.62
C GLN A 234 22.31 -14.09 28.13
N ARG A 235 21.77 -13.07 27.46
CA ARG A 235 21.25 -13.21 26.10
C ARG A 235 22.25 -13.78 25.11
N GLN A 236 23.37 -13.08 24.92
CA GLN A 236 24.28 -13.46 23.84
C GLN A 236 24.85 -14.85 24.07
N ALA A 237 25.21 -15.16 25.32
CA ALA A 237 25.58 -16.53 25.69
C ALA A 237 24.50 -17.54 25.34
N ASN A 238 23.24 -17.19 25.60
CA ASN A 238 22.14 -18.11 25.28
C ASN A 238 21.99 -18.29 23.78
N ILE A 239 22.32 -17.24 23.03
CA ILE A 239 22.23 -17.30 21.58
C ILE A 239 23.25 -18.32 21.02
N LEU A 240 24.47 -18.28 21.52
CA LEU A 240 25.46 -19.26 21.09
C LEU A 240 25.06 -20.69 21.47
N LEU A 241 24.38 -20.86 22.60
CA LEU A 241 23.94 -22.18 23.02
C LEU A 241 22.68 -22.61 22.29
N GLY A 242 21.96 -21.65 21.72
CA GLY A 242 20.73 -21.96 21.03
C GLY A 242 19.59 -22.09 22.03
N ALA A 243 19.82 -21.59 23.24
CA ALA A 243 18.85 -21.69 24.32
C ALA A 243 17.84 -20.56 24.26
N CYS A 244 16.71 -20.81 23.60
CA CYS A 244 15.65 -19.80 23.50
C CYS A 244 14.35 -20.30 24.07
N SER A 245 13.53 -19.36 24.55
CA SER A 245 12.22 -19.69 25.09
C SER A 245 11.21 -18.59 24.75
N LEU A 246 10.00 -18.99 24.36
CA LEU A 246 8.96 -18.05 23.97
C LEU A 246 7.69 -18.23 24.81
N ASP A 247 7.86 -18.47 26.09
CA ASP A 247 6.74 -18.93 26.92
C ASP A 247 5.70 -17.84 27.24
N CYS A 248 5.93 -16.63 26.74
CA CYS A 248 4.91 -15.59 26.80
C CYS A 248 3.83 -15.84 25.75
N LEU A 249 4.08 -16.79 24.85
CA LEU A 249 3.12 -17.19 23.83
C LEU A 249 2.46 -18.50 24.21
N HIS A 250 1.16 -18.46 24.45
CA HIS A 250 0.46 -19.62 24.96
C HIS A 250 -0.02 -20.53 23.83
N PRO A 251 0.21 -21.85 23.98
CA PRO A 251 -0.05 -22.88 22.97
C PRO A 251 -1.52 -23.04 22.60
N GLU A 252 -2.43 -22.43 23.35
CA GLU A 252 -3.85 -22.61 23.07
C GLU A 252 -4.54 -21.29 22.77
N LYS A 253 -3.76 -20.28 22.42
CA LYS A 253 -4.31 -19.02 21.93
C LYS A 253 -3.92 -18.85 20.47
N HIS A 254 -4.93 -18.77 19.59
CA HIS A 254 -4.75 -18.67 18.15
C HIS A 254 -3.66 -17.67 17.73
N GLU A 255 -3.78 -16.44 18.22
CA GLU A 255 -2.81 -15.40 17.86
C GLU A 255 -1.40 -15.75 18.33
N ASP A 256 -1.30 -16.46 19.45
CA ASP A 256 0.01 -16.83 19.98
C ASP A 256 0.65 -17.98 19.20
N VAL A 257 -0.17 -18.91 18.75
CA VAL A 257 0.34 -20.03 17.98
C VAL A 257 0.98 -19.53 16.68
N ILE A 258 0.35 -18.53 16.06
CA ILE A 258 0.83 -18.02 14.78
C ILE A 258 2.08 -17.15 14.95
N ALA A 259 2.07 -16.26 15.93
CA ALA A 259 3.26 -15.48 16.24
C ALA A 259 4.46 -16.39 16.57
N ARG A 260 4.22 -17.43 17.35
CA ARG A 260 5.29 -18.38 17.69
C ARG A 260 5.80 -19.09 16.44
N GLU A 261 4.87 -19.41 15.54
CA GLU A 261 5.21 -20.13 14.33
C GLU A 261 6.21 -19.32 13.53
N LEU A 262 5.91 -18.04 13.37
CA LEU A 262 6.79 -17.17 12.60
C LEU A 262 8.10 -16.89 13.34
N ILE A 263 8.02 -16.57 14.63
CA ILE A 263 9.20 -16.15 15.36
C ILE A 263 10.23 -17.28 15.49
N GLU A 264 9.77 -18.51 15.68
CA GLU A 264 10.68 -19.66 15.75
C GLU A 264 11.52 -19.84 14.48
N LYS A 265 10.94 -19.55 13.33
CA LYS A 265 11.69 -19.62 12.08
C LYS A 265 12.67 -18.46 11.96
N MET A 266 12.22 -17.26 12.33
CA MET A 266 13.04 -16.06 12.21
C MET A 266 14.31 -16.14 13.06
N ILE A 267 14.22 -16.76 14.24
CA ILE A 267 15.38 -16.87 15.11
C ILE A 267 16.08 -18.23 15.04
N ALA A 268 15.87 -18.95 13.94
CA ALA A 268 16.45 -20.28 13.82
C ALA A 268 17.97 -20.20 13.85
N MET A 269 18.59 -21.17 14.52
CA MET A 269 20.04 -21.21 14.64
C MET A 269 20.71 -21.31 13.28
N ASP A 270 20.13 -22.11 12.40
CA ASP A 270 20.59 -22.27 11.03
C ASP A 270 20.01 -21.13 10.19
N PRO A 271 20.87 -20.20 9.75
CA PRO A 271 20.46 -19.05 8.94
C PRO A 271 19.65 -19.45 7.71
N GLN A 272 20.01 -20.57 7.11
CA GLN A 272 19.35 -21.03 5.88
C GLN A 272 17.91 -21.46 6.11
N LYS A 273 17.51 -21.59 7.37
CA LYS A 273 16.11 -21.91 7.67
C LYS A 273 15.27 -20.67 7.98
N ARG A 274 15.91 -19.50 8.02
CA ARG A 274 15.19 -18.27 8.31
C ARG A 274 14.53 -17.75 7.03
N PRO A 275 13.25 -17.33 7.13
CA PRO A 275 12.60 -16.70 5.99
C PRO A 275 13.20 -15.34 5.68
N SER A 276 13.22 -14.96 4.40
CA SER A 276 13.61 -13.61 4.02
C SER A 276 12.55 -12.60 4.48
N ALA A 277 12.91 -11.32 4.45
CA ALA A 277 11.99 -10.26 4.86
C ALA A 277 10.69 -10.32 4.07
N LYS A 278 10.78 -10.53 2.76
CA LYS A 278 9.58 -10.65 1.93
C LYS A 278 8.72 -11.88 2.28
N HIS A 279 9.38 -12.98 2.61
CA HIS A 279 8.72 -14.17 3.15
C HIS A 279 7.95 -13.86 4.43
N VAL A 280 8.65 -13.21 5.37
CA VAL A 280 8.07 -12.79 6.64
C VAL A 280 6.78 -11.99 6.43
N LEU A 281 6.82 -11.07 5.47
CA LEU A 281 5.67 -10.20 5.22
C LEU A 281 4.44 -10.95 4.69
N LYS A 282 4.64 -12.16 4.18
CA LYS A 282 3.54 -12.97 3.64
C LYS A 282 2.90 -13.85 4.70
N HIS A 283 3.50 -13.88 5.89
CA HIS A 283 3.05 -14.78 6.96
C HIS A 283 1.69 -14.41 7.59
N PRO A 284 0.88 -15.42 7.98
CA PRO A 284 -0.43 -15.30 8.65
C PRO A 284 -0.46 -14.32 9.83
N PHE A 285 0.66 -14.14 10.50
CA PHE A 285 0.85 -13.13 11.53
C PHE A 285 0.26 -11.78 11.15
N PHE A 286 0.41 -11.42 9.87
CA PHE A 286 -0.01 -10.11 9.38
C PHE A 286 -1.34 -10.15 8.63
N TRP A 287 -2.00 -11.31 8.62
CA TRP A 287 -3.27 -11.43 7.90
C TRP A 287 -4.44 -10.84 8.68
N SER A 288 -5.30 -10.10 7.98
CA SER A 288 -6.59 -9.73 8.52
C SER A 288 -7.47 -10.97 8.72
N LEU A 289 -8.52 -10.84 9.53
CA LEU A 289 -9.42 -11.95 9.77
C LEU A 289 -10.13 -12.38 8.49
N GLU A 290 -10.45 -11.40 7.65
CA GLU A 290 -11.04 -11.66 6.36
C GLU A 290 -10.13 -12.55 5.51
N LYS A 291 -8.84 -12.23 5.47
CA LYS A 291 -7.90 -13.00 4.67
C LYS A 291 -7.69 -14.40 5.26
N GLN A 292 -7.74 -14.50 6.58
CA GLN A 292 -7.65 -15.80 7.23
C GLN A 292 -8.79 -16.72 6.79
N LEU A 293 -9.98 -16.17 6.62
CA LEU A 293 -11.13 -16.96 6.26
C LEU A 293 -11.04 -17.30 4.79
N GLN A 294 -10.61 -16.34 3.98
CA GLN A 294 -10.44 -16.57 2.56
C GLN A 294 -9.45 -17.72 2.32
N PHE A 295 -8.41 -17.79 3.15
CA PHE A 295 -7.43 -18.88 3.09
C PHE A 295 -8.08 -20.23 3.36
N PHE A 296 -8.87 -20.30 4.44
CA PHE A 296 -9.59 -21.51 4.81
C PHE A 296 -10.50 -22.00 3.69
N GLN A 297 -11.13 -21.06 2.99
CA GLN A 297 -12.05 -21.38 1.91
C GLN A 297 -11.32 -21.86 0.66
N ASP A 298 -10.23 -21.18 0.33
CA ASP A 298 -9.38 -21.59 -0.79
C ASP A 298 -8.79 -22.96 -0.55
N VAL A 299 -8.39 -23.23 0.70
CA VAL A 299 -7.85 -24.54 1.05
C VAL A 299 -8.93 -25.61 0.88
N SER A 300 -10.10 -25.35 1.44
CA SER A 300 -11.20 -26.31 1.40
C SER A 300 -11.64 -26.58 -0.03
N ASP A 301 -11.63 -25.56 -0.87
CA ASP A 301 -11.97 -25.69 -2.28
C ASP A 301 -10.93 -26.53 -3.02
N ARG A 302 -9.67 -26.36 -2.63
CA ARG A 302 -8.55 -27.03 -3.30
C ARG A 302 -8.51 -28.53 -2.96
N ILE A 303 -8.96 -28.88 -1.76
CA ILE A 303 -8.80 -30.25 -1.25
C ILE A 303 -10.05 -31.10 -1.36
N GLU A 304 -11.13 -30.57 -1.90
CA GLU A 304 -12.26 -31.42 -2.23
C GLU A 304 -11.98 -32.05 -3.58
N LYS A 305 -12.48 -33.26 -3.77
CA LYS A 305 -12.13 -34.14 -4.91
C LYS A 305 -10.70 -34.67 -4.77
N GLU A 306 -9.93 -34.09 -3.86
CA GLU A 306 -8.60 -34.60 -3.55
C GLU A 306 -8.71 -35.93 -2.81
N SER A 307 -7.94 -36.93 -3.25
CA SER A 307 -8.03 -38.28 -2.70
C SER A 307 -7.67 -38.30 -1.21
N LEU A 308 -8.24 -39.27 -0.49
CA LEU A 308 -8.08 -39.34 0.96
C LEU A 308 -6.72 -39.88 1.39
N ASP A 309 -6.04 -40.58 0.50
CA ASP A 309 -4.72 -41.12 0.81
C ASP A 309 -3.65 -40.43 -0.04
N GLY A 310 -4.03 -39.31 -0.65
CA GLY A 310 -3.09 -38.52 -1.43
C GLY A 310 -2.21 -37.71 -0.50
N PRO A 311 -1.06 -37.24 -0.99
CA PRO A 311 -0.08 -36.57 -0.12
C PRO A 311 -0.62 -35.31 0.54
N ILE A 312 -1.50 -34.57 -0.14
CA ILE A 312 -1.98 -33.31 0.41
C ILE A 312 -2.88 -33.51 1.63
N VAL A 313 -3.98 -34.25 1.49
CA VAL A 313 -4.85 -34.44 2.65
C VAL A 313 -4.15 -35.26 3.72
N LYS A 314 -3.18 -36.09 3.32
CA LYS A 314 -2.38 -36.86 4.26
C LYS A 314 -1.57 -35.90 5.13
N GLN A 315 -0.88 -34.98 4.48
CA GLN A 315 -0.15 -33.91 5.17
C GLN A 315 -1.07 -33.16 6.12
N LEU A 316 -2.26 -32.82 5.64
CA LEU A 316 -3.22 -32.06 6.42
C LEU A 316 -3.71 -32.84 7.65
N GLU A 317 -3.97 -34.14 7.47
CA GLU A 317 -4.55 -34.94 8.56
C GLU A 317 -3.48 -35.49 9.51
N ARG A 318 -2.21 -35.39 9.10
CA ARG A 318 -1.11 -35.77 9.97
C ARG A 318 -1.13 -34.93 11.24
N GLY A 319 -1.28 -35.60 12.38
CA GLY A 319 -1.31 -34.92 13.67
C GLY A 319 -2.51 -34.00 13.81
N GLY A 320 -3.54 -34.27 13.02
CA GLY A 320 -4.73 -33.43 13.00
C GLY A 320 -5.68 -33.65 14.16
N ARG A 321 -5.56 -34.81 14.81
CA ARG A 321 -6.40 -35.14 15.95
C ARG A 321 -6.24 -34.10 17.05
N ALA A 322 -4.99 -33.77 17.36
CA ALA A 322 -4.67 -32.73 18.33
C ALA A 322 -5.17 -31.37 17.85
N VAL A 323 -5.23 -31.19 16.53
CA VAL A 323 -5.69 -29.93 15.95
C VAL A 323 -7.20 -29.77 16.09
N VAL A 324 -7.95 -30.85 15.86
CA VAL A 324 -9.41 -30.80 15.96
C VAL A 324 -9.91 -31.19 17.35
N LYS A 325 -8.98 -31.49 18.25
CA LYS A 325 -9.29 -31.92 19.62
C LYS A 325 -10.13 -33.20 19.63
N MET A 326 -9.51 -34.30 19.17
CA MET A 326 -10.14 -35.63 19.13
C MET A 326 -11.38 -35.67 18.24
N ASP A 327 -12.32 -34.76 18.50
CA ASP A 327 -13.55 -34.70 17.73
C ASP A 327 -14.05 -33.26 17.73
N TRP A 328 -13.97 -32.60 16.60
CA TRP A 328 -14.34 -31.18 16.56
C TRP A 328 -15.86 -31.01 16.64
N ARG A 329 -16.59 -32.10 16.46
CA ARG A 329 -18.05 -32.07 16.61
C ARG A 329 -18.44 -31.76 18.06
N GLU A 330 -17.54 -32.08 18.99
CA GLU A 330 -17.80 -31.91 20.43
C GLU A 330 -17.29 -30.57 20.96
N ASN A 331 -16.64 -29.78 20.12
CA ASN A 331 -16.02 -28.55 20.56
C ASN A 331 -16.61 -27.31 19.89
N ILE A 332 -17.86 -27.41 19.49
CA ILE A 332 -18.59 -26.25 18.96
C ILE A 332 -19.89 -26.06 19.73
N THR A 333 -20.45 -24.86 19.64
CA THR A 333 -21.69 -24.55 20.37
C THR A 333 -22.84 -25.46 19.93
N VAL A 334 -23.82 -25.63 20.82
CA VAL A 334 -24.95 -26.51 20.54
C VAL A 334 -25.88 -26.06 19.40
N PRO A 335 -26.00 -24.74 19.13
CA PRO A 335 -26.75 -24.43 17.91
C PRO A 335 -26.11 -25.05 16.66
N LEU A 336 -24.82 -24.80 16.43
CA LEU A 336 -24.16 -25.34 15.25
C LEU A 336 -24.14 -26.87 15.27
N GLN A 337 -23.98 -27.45 16.46
CA GLN A 337 -24.03 -28.90 16.64
C GLN A 337 -25.31 -29.48 16.07
N THR A 338 -26.43 -28.86 16.42
CA THR A 338 -27.75 -29.35 16.02
C THR A 338 -27.94 -29.28 14.49
N ASP A 339 -27.44 -28.22 13.89
CA ASP A 339 -27.67 -27.97 12.46
C ASP A 339 -26.65 -28.66 11.57
N LEU A 340 -25.78 -29.47 12.17
CA LEU A 340 -24.80 -30.22 11.41
C LEU A 340 -25.18 -31.69 11.34
N THR A 345 -23.28 -34.87 7.97
CA THR A 345 -22.63 -36.01 8.61
C THR A 345 -21.12 -35.98 8.37
N TYR A 346 -20.44 -35.01 8.98
CA TYR A 346 -18.99 -34.85 8.81
C TYR A 346 -18.19 -35.78 9.70
N LYS A 347 -16.89 -35.90 9.40
CA LYS A 347 -15.99 -36.76 10.14
C LYS A 347 -15.21 -35.96 11.19
N GLY A 348 -15.62 -36.09 12.45
CA GLY A 348 -15.11 -35.24 13.52
C GLY A 348 -13.64 -35.31 13.90
N GLY A 349 -12.92 -36.29 13.36
CA GLY A 349 -11.51 -36.43 13.66
C GLY A 349 -10.66 -35.97 12.49
N SER A 350 -11.32 -35.29 11.55
CA SER A 350 -10.69 -34.85 10.32
C SER A 350 -10.62 -33.33 10.25
N VAL A 351 -9.45 -32.78 9.96
CA VAL A 351 -9.35 -31.32 9.83
C VAL A 351 -9.93 -30.90 8.48
N ARG A 352 -9.76 -31.74 7.47
CA ARG A 352 -10.37 -31.50 6.15
C ARG A 352 -11.88 -31.33 6.25
N ASP A 353 -12.52 -32.14 7.07
CA ASP A 353 -13.96 -32.02 7.26
C ASP A 353 -14.31 -30.85 8.17
N LEU A 354 -13.41 -30.51 9.09
CA LEU A 354 -13.59 -29.28 9.85
C LEU A 354 -13.60 -28.10 8.90
N LEU A 355 -12.64 -28.09 7.97
CA LEU A 355 -12.54 -27.05 6.95
C LEU A 355 -13.74 -27.08 6.01
N ARG A 356 -14.16 -28.28 5.62
CA ARG A 356 -15.34 -28.47 4.78
C ARG A 356 -16.59 -27.85 5.40
N ALA A 357 -16.75 -28.00 6.71
CA ALA A 357 -17.92 -27.51 7.41
C ALA A 357 -17.93 -25.98 7.52
N MET A 358 -16.75 -25.40 7.68
CA MET A 358 -16.60 -23.96 7.73
C MET A 358 -16.97 -23.32 6.39
N ARG A 359 -16.45 -23.88 5.30
CA ARG A 359 -16.74 -23.36 3.98
C ARG A 359 -18.24 -23.50 3.64
N ASN A 360 -18.81 -24.67 3.96
CA ASN A 360 -20.22 -24.94 3.70
C ASN A 360 -21.13 -23.94 4.39
N LYS A 361 -20.86 -23.66 5.67
CA LYS A 361 -21.69 -22.74 6.43
C LYS A 361 -21.42 -21.30 6.03
N LYS A 362 -20.22 -21.01 5.55
CA LYS A 362 -19.94 -19.69 5.00
C LYS A 362 -20.76 -19.50 3.74
N HIS A 363 -20.74 -20.51 2.88
CA HIS A 363 -21.42 -20.46 1.60
C HIS A 363 -22.93 -20.25 1.77
N HIS A 364 -23.54 -21.06 2.63
CA HIS A 364 -24.98 -20.99 2.85
C HIS A 364 -25.35 -20.15 4.07
N TYR A 365 -24.53 -19.15 4.38
CA TYR A 365 -24.68 -18.40 5.63
C TYR A 365 -26.05 -17.74 5.75
N ARG A 366 -26.54 -17.17 4.65
CA ARG A 366 -27.82 -16.47 4.68
C ARG A 366 -29.00 -17.43 4.83
N GLU A 367 -28.80 -18.69 4.46
CA GLU A 367 -29.86 -19.70 4.60
C GLU A 367 -29.91 -20.32 5.98
N LEU A 368 -28.90 -20.06 6.80
CA LEU A 368 -28.83 -20.61 8.15
C LEU A 368 -29.96 -20.10 9.03
N PRO A 369 -30.46 -20.94 9.94
CA PRO A 369 -31.47 -20.47 10.90
C PRO A 369 -30.92 -19.33 11.77
N ALA A 370 -31.81 -18.56 12.38
CA ALA A 370 -31.43 -17.36 13.10
C ALA A 370 -30.46 -17.62 14.25
N GLU A 371 -30.74 -18.64 15.05
CA GLU A 371 -29.91 -18.96 16.22
C GLU A 371 -28.50 -19.35 15.81
N VAL A 372 -28.36 -19.80 14.57
CA VAL A 372 -27.09 -20.31 14.08
C VAL A 372 -26.19 -19.19 13.58
N ARG A 373 -26.78 -18.25 12.84
CA ARG A 373 -26.04 -17.08 12.40
C ARG A 373 -25.62 -16.25 13.60
N GLU A 374 -26.43 -16.33 14.66
CA GLU A 374 -26.15 -15.61 15.89
C GLU A 374 -24.96 -16.20 16.63
N THR A 375 -24.91 -17.53 16.71
CA THR A 375 -23.84 -18.20 17.44
C THR A 375 -22.52 -18.14 16.66
N LEU A 376 -22.60 -18.04 15.34
CA LEU A 376 -21.41 -17.95 14.50
C LEU A 376 -20.83 -16.54 14.50
N GLY A 377 -21.71 -15.56 14.38
CA GLY A 377 -21.30 -14.17 14.28
C GLY A 377 -21.28 -13.71 12.84
N SER A 378 -21.02 -12.41 12.64
CA SER A 378 -20.99 -11.81 11.31
C SER A 378 -19.86 -12.36 10.43
N LEU A 379 -20.07 -12.29 9.12
CA LEU A 379 -19.02 -12.56 8.14
C LEU A 379 -18.25 -11.29 7.80
N PRO A 380 -16.92 -11.39 7.71
CA PRO A 380 -16.11 -12.59 7.94
C PRO A 380 -15.51 -12.70 9.34
N ASP A 381 -15.35 -11.57 10.01
CA ASP A 381 -14.57 -11.49 11.24
C ASP A 381 -15.03 -12.44 12.35
N ASP A 382 -16.27 -12.26 12.80
CA ASP A 382 -16.80 -13.06 13.89
C ASP A 382 -16.88 -14.54 13.52
N PHE A 383 -17.31 -14.82 12.30
CA PHE A 383 -17.39 -16.19 11.79
C PHE A 383 -16.06 -16.93 11.94
N VAL A 384 -14.98 -16.35 11.43
CA VAL A 384 -13.69 -17.06 11.43
C VAL A 384 -13.13 -17.17 12.86
N CYS A 385 -13.40 -16.16 13.69
CA CYS A 385 -12.97 -16.18 15.09
C CYS A 385 -13.66 -17.28 15.89
N TYR A 386 -14.90 -17.58 15.51
CA TYR A 386 -15.64 -18.68 16.12
C TYR A 386 -14.79 -19.93 16.10
N PHE A 387 -14.17 -20.21 14.96
CA PHE A 387 -13.39 -21.43 14.79
C PHE A 387 -11.94 -21.30 15.24
N THR A 388 -11.29 -20.17 14.95
CA THR A 388 -9.88 -20.04 15.34
C THR A 388 -9.73 -19.97 16.86
N SER A 389 -10.74 -19.44 17.54
CA SER A 389 -10.66 -19.32 19.00
C SER A 389 -10.89 -20.67 19.66
N ARG A 390 -11.65 -21.53 18.98
CA ARG A 390 -11.91 -22.85 19.52
C ARG A 390 -10.86 -23.86 19.08
N PHE A 391 -10.28 -23.64 17.89
CA PHE A 391 -9.24 -24.52 17.38
C PHE A 391 -7.96 -23.73 17.06
N PRO A 392 -7.22 -23.37 18.11
CA PRO A 392 -6.08 -22.44 18.05
C PRO A 392 -4.94 -22.89 17.13
N HIS A 393 -4.88 -24.19 16.83
CA HIS A 393 -3.85 -24.70 15.94
C HIS A 393 -4.32 -24.85 14.50
N LEU A 394 -5.57 -24.49 14.22
CA LEU A 394 -6.14 -24.73 12.89
C LEU A 394 -5.40 -24.00 11.76
N LEU A 395 -5.24 -22.69 11.90
CA LEU A 395 -4.60 -21.92 10.83
C LEU A 395 -3.16 -22.33 10.61
N ALA A 396 -2.37 -22.29 11.69
CA ALA A 396 -0.94 -22.58 11.63
C ALA A 396 -0.65 -23.96 11.07
N HIS A 397 -1.42 -24.95 11.51
CA HIS A 397 -1.31 -26.32 11.00
C HIS A 397 -1.64 -26.36 9.51
N THR A 398 -2.77 -25.77 9.12
CA THR A 398 -3.19 -25.78 7.72
C THR A 398 -2.25 -24.95 6.86
N TYR A 399 -1.73 -23.84 7.38
CA TYR A 399 -0.77 -23.02 6.66
C TYR A 399 0.49 -23.81 6.28
N ARG A 400 1.02 -24.56 7.25
CA ARG A 400 2.19 -25.40 7.02
C ARG A 400 1.88 -26.60 6.11
N ALA A 401 0.73 -27.22 6.29
CA ALA A 401 0.33 -28.37 5.46
C ALA A 401 0.13 -28.02 3.97
N MET A 402 -0.49 -26.87 3.70
CA MET A 402 -0.80 -26.50 2.32
C MET A 402 0.34 -25.73 1.66
N GLU A 403 1.52 -25.78 2.27
CA GLU A 403 2.71 -25.20 1.66
C GLU A 403 3.15 -26.10 0.51
N LEU A 404 2.59 -27.29 0.45
CA LEU A 404 2.77 -28.18 -0.70
C LEU A 404 2.24 -27.52 -1.98
N CYS A 405 1.37 -26.54 -1.81
CA CYS A 405 0.75 -25.84 -2.93
C CYS A 405 1.28 -24.43 -3.06
N SER A 406 2.41 -24.14 -2.41
CA SER A 406 3.09 -22.85 -2.51
C SER A 406 3.17 -22.31 -3.93
N HIS A 407 3.64 -23.17 -4.82
CA HIS A 407 3.91 -22.83 -6.21
C HIS A 407 2.64 -22.53 -7.02
N GLU A 408 1.54 -23.17 -6.65
CA GLU A 408 0.28 -23.01 -7.36
C GLU A 408 -0.19 -21.55 -7.35
N ARG A 409 -0.71 -21.09 -8.48
CA ARG A 409 -1.07 -19.68 -8.66
C ARG A 409 -2.14 -19.20 -7.67
N LEU A 410 -3.12 -20.04 -7.38
CA LEU A 410 -4.22 -19.66 -6.50
C LEU A 410 -3.76 -19.43 -5.05
N PHE A 411 -2.57 -19.90 -4.72
CA PHE A 411 -2.06 -19.72 -3.35
C PHE A 411 -0.96 -18.65 -3.29
N GLN A 412 -0.83 -17.88 -4.37
CA GLN A 412 0.09 -16.75 -4.44
C GLN A 412 -0.09 -15.68 -3.36
N PRO A 413 -1.34 -15.32 -3.02
CA PRO A 413 -1.47 -14.32 -1.96
C PRO A 413 -0.94 -14.79 -0.60
N TYR A 414 -0.80 -16.09 -0.40
CA TYR A 414 -0.56 -16.64 0.94
C TYR A 414 0.89 -17.01 1.21
N TYR A 415 1.62 -17.38 0.17
CA TYR A 415 3.03 -17.69 0.32
C TYR A 415 3.87 -16.81 -0.60
N PHE A 416 5.15 -16.65 -0.27
CA PHE A 416 6.03 -15.85 -1.11
C PHE A 416 6.83 -16.73 -2.07
N HIS A 417 6.69 -16.45 -3.36
CA HIS A 417 7.41 -17.19 -4.39
C HIS A 417 8.70 -16.49 -4.79
N GLU B 14 24.09 33.22 -18.32
CA GLU B 14 24.30 32.56 -19.61
C GLU B 14 25.35 31.47 -19.54
N THR B 15 26.51 31.76 -18.96
CA THR B 15 27.48 30.72 -18.63
C THR B 15 27.80 30.75 -17.14
N SER B 16 27.20 31.69 -16.42
CA SER B 16 27.44 31.81 -14.99
C SER B 16 26.62 30.81 -14.19
N VAL B 17 26.99 30.62 -12.93
CA VAL B 17 26.22 29.80 -12.02
C VAL B 17 25.73 30.64 -10.84
N VAL B 18 24.42 30.64 -10.62
CA VAL B 18 23.85 31.27 -9.44
C VAL B 18 23.96 30.34 -8.23
N ILE B 19 24.51 30.84 -7.14
CA ILE B 19 24.59 30.07 -5.92
C ILE B 19 23.87 30.79 -4.79
N VAL B 20 22.86 30.16 -4.23
CA VAL B 20 22.12 30.74 -3.10
C VAL B 20 21.97 29.68 -2.02
N GLY B 21 22.73 29.84 -0.93
CA GLY B 21 22.78 28.83 0.11
C GLY B 21 23.17 27.49 -0.49
N LYS B 22 22.30 26.49 -0.33
CA LYS B 22 22.56 25.13 -0.80
C LYS B 22 22.10 24.88 -2.24
N ILE B 23 21.39 25.84 -2.84
CA ILE B 23 20.89 25.70 -4.20
C ILE B 23 21.82 26.38 -5.21
N SER B 24 22.08 25.70 -6.33
CA SER B 24 22.83 26.32 -7.42
C SER B 24 22.27 25.92 -8.77
N PHE B 25 22.38 26.80 -9.76
CA PHE B 25 21.88 26.55 -11.09
C PHE B 25 22.47 27.54 -12.07
N CYS B 26 22.52 27.13 -13.34
CA CYS B 26 22.87 28.02 -14.43
C CYS B 26 21.59 28.54 -15.06
N PRO B 27 21.41 29.88 -15.09
CA PRO B 27 20.19 30.52 -15.58
C PRO B 27 19.85 30.18 -17.03
N LYS B 28 20.81 29.59 -17.75
CA LYS B 28 20.55 29.17 -19.13
C LYS B 28 19.63 27.96 -19.15
N ASP B 29 19.61 27.23 -18.05
CA ASP B 29 18.90 25.95 -18.01
C ASP B 29 17.44 26.12 -17.59
N VAL B 30 16.68 26.83 -18.41
CA VAL B 30 15.26 27.06 -18.13
C VAL B 30 14.44 25.82 -18.45
N LEU B 31 13.63 25.38 -17.50
CA LEU B 31 12.76 24.23 -17.70
C LEU B 31 11.33 24.69 -18.00
N GLY B 32 11.01 25.91 -17.56
CA GLY B 32 9.71 26.49 -17.83
C GLY B 32 9.45 27.81 -17.14
N HIS B 33 8.28 28.37 -17.40
CA HIS B 33 7.89 29.66 -16.85
C HIS B 33 6.57 29.55 -16.10
N GLY B 34 6.54 30.08 -14.88
CA GLY B 34 5.32 30.14 -14.10
C GLY B 34 4.63 31.48 -14.32
N ALA B 35 3.69 31.80 -13.45
CA ALA B 35 2.98 33.07 -13.56
C ALA B 35 3.71 34.18 -12.82
N GLU B 36 3.51 35.42 -13.27
CA GLU B 36 4.06 36.60 -12.62
C GLU B 36 5.57 36.62 -12.54
N GLY B 37 6.24 36.36 -13.67
CA GLY B 37 7.68 36.46 -13.75
C GLY B 37 8.42 35.29 -13.14
N THR B 38 7.68 34.27 -12.73
CA THR B 38 8.27 33.07 -12.17
C THR B 38 8.95 32.25 -13.27
N ILE B 39 10.14 31.72 -12.97
CA ILE B 39 10.91 30.87 -13.88
C ILE B 39 11.37 29.62 -13.14
N VAL B 40 11.36 28.48 -13.82
CA VAL B 40 11.86 27.24 -13.23
C VAL B 40 13.13 26.80 -13.97
N TYR B 41 14.19 26.53 -13.23
CA TYR B 41 15.46 26.13 -13.80
C TYR B 41 15.81 24.70 -13.43
N ARG B 42 16.69 24.08 -14.20
CA ARG B 42 17.36 22.90 -13.70
C ARG B 42 18.59 23.34 -12.90
N GLY B 43 18.80 22.74 -11.74
CA GLY B 43 19.97 23.04 -10.95
C GLY B 43 20.35 21.93 -10.00
N MET B 44 21.04 22.28 -8.92
CA MET B 44 21.52 21.27 -8.00
C MET B 44 21.37 21.63 -6.53
N PHE B 45 21.20 20.59 -5.72
CA PHE B 45 21.05 20.74 -4.29
C PHE B 45 21.50 19.45 -3.62
N ASP B 46 22.38 19.54 -2.63
CA ASP B 46 22.81 18.36 -1.88
C ASP B 46 23.25 17.24 -2.84
N ASN B 47 24.01 17.65 -3.87
CA ASN B 47 24.53 16.73 -4.90
C ASN B 47 23.46 15.97 -5.69
N ARG B 48 22.23 16.49 -5.65
CA ARG B 48 21.12 15.95 -6.43
C ARG B 48 20.72 16.90 -7.55
N ASP B 49 20.13 16.36 -8.62
CA ASP B 49 19.46 17.18 -9.63
C ASP B 49 18.13 17.68 -9.06
N VAL B 50 17.87 18.97 -9.20
CA VAL B 50 16.62 19.55 -8.73
C VAL B 50 16.00 20.49 -9.77
N ALA B 51 14.70 20.71 -9.68
CA ALA B 51 14.10 21.84 -10.37
C ALA B 51 13.98 22.99 -9.37
N VAL B 52 14.38 24.18 -9.81
CA VAL B 52 14.42 25.34 -8.94
C VAL B 52 13.48 26.42 -9.44
N LYS B 53 12.48 26.78 -8.64
CA LYS B 53 11.58 27.84 -9.01
C LYS B 53 12.08 29.14 -8.39
N ARG B 54 12.18 30.17 -9.22
CA ARG B 54 12.60 31.48 -8.75
C ARG B 54 11.42 32.45 -8.69
N ILE B 55 11.28 33.13 -7.56
CA ILE B 55 10.12 33.95 -7.27
C ILE B 55 10.50 35.43 -7.04
N LEU B 56 9.73 36.32 -7.66
CA LEU B 56 9.96 37.76 -7.58
C LEU B 56 9.37 38.34 -6.29
N PRO B 57 9.92 39.48 -5.82
CA PRO B 57 9.49 40.12 -4.57
C PRO B 57 7.97 40.24 -4.39
N GLU B 58 7.25 40.63 -5.44
CA GLU B 58 5.80 40.83 -5.30
C GLU B 58 5.09 39.51 -4.98
N CYS B 59 5.79 38.39 -5.08
CA CYS B 59 5.19 37.08 -4.81
C CYS B 59 5.77 36.37 -3.59
N PHE B 60 6.64 37.07 -2.86
CA PHE B 60 7.29 36.51 -1.67
C PHE B 60 6.28 35.97 -0.65
N SER B 61 5.34 36.81 -0.25
CA SER B 61 4.34 36.41 0.75
C SER B 61 3.49 35.24 0.27
N PHE B 62 3.07 35.29 -0.99
CA PHE B 62 2.25 34.23 -1.54
C PHE B 62 3.02 32.90 -1.53
N ALA B 63 4.26 32.93 -2.00
CA ALA B 63 5.10 31.72 -2.03
C ALA B 63 5.32 31.18 -0.61
N ASP B 64 5.56 32.08 0.33
CA ASP B 64 5.70 31.72 1.74
C ASP B 64 4.49 30.97 2.28
N ARG B 65 3.29 31.41 1.88
CA ARG B 65 2.07 30.74 2.29
C ARG B 65 1.93 29.34 1.67
N GLU B 66 2.38 29.21 0.42
CA GLU B 66 2.34 27.91 -0.26
C GLU B 66 3.26 26.94 0.44
N VAL B 67 4.47 27.38 0.73
CA VAL B 67 5.46 26.53 1.39
C VAL B 67 4.96 26.14 2.78
N GLN B 68 4.34 27.08 3.47
CA GLN B 68 3.85 26.84 4.83
C GLN B 68 2.77 25.77 4.82
N LEU B 69 1.85 25.87 3.86
CA LEU B 69 0.81 24.88 3.69
C LEU B 69 1.42 23.48 3.56
N LEU B 70 2.48 23.37 2.78
CA LEU B 70 3.12 22.07 2.59
C LEU B 70 3.97 21.66 3.80
N ARG B 71 4.52 22.64 4.51
CA ARG B 71 5.30 22.34 5.72
C ARG B 71 4.41 21.76 6.84
N GLU B 72 3.19 22.25 6.94
CA GLU B 72 2.24 21.84 7.98
C GLU B 72 1.51 20.55 7.63
N SER B 73 1.30 20.31 6.34
CA SER B 73 0.48 19.20 5.87
C SER B 73 1.27 17.90 5.82
N ASP B 74 0.61 16.80 6.12
CA ASP B 74 1.24 15.50 6.00
C ASP B 74 1.73 15.27 4.58
N GLU B 75 2.90 14.66 4.46
CA GLU B 75 3.45 14.35 3.15
C GLU B 75 2.75 13.12 2.59
N HIS B 76 2.94 12.87 1.31
CA HIS B 76 2.31 11.74 0.63
C HIS B 76 3.14 11.46 -0.61
N PRO B 77 3.38 10.17 -0.92
CA PRO B 77 4.24 9.83 -2.07
C PRO B 77 3.80 10.48 -3.38
N ASN B 78 2.53 10.84 -3.50
CA ASN B 78 2.03 11.38 -4.76
C ASN B 78 1.64 12.85 -4.66
N VAL B 79 2.19 13.54 -3.66
CA VAL B 79 2.10 14.98 -3.59
C VAL B 79 3.52 15.51 -3.49
N ILE B 80 3.85 16.46 -4.35
CA ILE B 80 5.21 16.99 -4.42
C ILE B 80 5.66 17.54 -3.06
N ARG B 81 6.93 17.34 -2.77
CA ARG B 81 7.56 17.79 -1.53
C ARG B 81 8.73 18.71 -1.89
N TYR B 82 8.88 19.85 -1.22
CA TYR B 82 10.03 20.70 -1.49
C TYR B 82 11.23 20.14 -0.75
N PHE B 83 12.41 20.29 -1.36
CA PHE B 83 13.66 19.81 -0.76
C PHE B 83 14.32 20.91 0.05
N CYS B 84 14.15 22.14 -0.41
CA CYS B 84 14.92 23.25 0.08
C CYS B 84 14.24 24.55 -0.32
N THR B 85 14.36 25.57 0.51
CA THR B 85 13.98 26.93 0.16
C THR B 85 15.16 27.82 0.53
N GLU B 86 15.47 28.77 -0.33
CA GLU B 86 16.53 29.75 -0.07
C GLU B 86 16.03 31.13 -0.45
N LYS B 87 16.82 32.14 -0.09
CA LYS B 87 16.44 33.53 -0.30
C LYS B 87 17.65 34.46 -0.26
N ASP B 88 17.79 35.28 -1.30
CA ASP B 88 18.81 36.31 -1.30
C ASP B 88 18.16 37.68 -1.23
N ARG B 89 18.89 38.70 -1.66
CA ARG B 89 18.42 40.07 -1.60
C ARG B 89 17.36 40.37 -2.66
N GLN B 90 17.37 39.61 -3.75
CA GLN B 90 16.51 39.92 -4.89
C GLN B 90 15.43 38.87 -5.16
N PHE B 91 15.67 37.62 -4.77
CA PHE B 91 14.75 36.54 -5.10
C PHE B 91 14.57 35.54 -3.96
N GLN B 92 13.47 34.78 -4.03
CA GLN B 92 13.32 33.57 -3.22
C GLN B 92 13.32 32.34 -4.15
N TYR B 93 13.69 31.19 -3.60
CA TYR B 93 13.92 30.01 -4.42
C TYR B 93 13.34 28.76 -3.77
N ILE B 94 12.71 27.92 -4.57
CA ILE B 94 12.17 26.67 -4.07
C ILE B 94 12.67 25.51 -4.91
N ALA B 95 13.38 24.58 -4.29
CA ALA B 95 13.87 23.39 -4.99
C ALA B 95 13.00 22.15 -4.74
N ILE B 96 12.61 21.46 -5.81
CA ILE B 96 11.94 20.18 -5.71
C ILE B 96 12.72 19.15 -6.53
N GLU B 97 12.30 17.88 -6.49
CA GLU B 97 13.06 16.85 -7.20
C GLU B 97 12.91 16.99 -8.70
N LEU B 98 14.01 16.82 -9.40
CA LEU B 98 13.98 16.84 -10.85
C LEU B 98 13.22 15.61 -11.30
N CYS B 99 12.20 15.84 -12.11
CA CYS B 99 11.40 14.74 -12.61
C CYS B 99 11.76 14.45 -14.06
N ALA B 100 11.32 13.30 -14.54
CA ALA B 100 11.59 12.89 -15.92
C ALA B 100 10.73 13.68 -16.89
N ALA B 101 9.49 13.95 -16.48
CA ALA B 101 8.50 14.52 -17.39
C ALA B 101 7.27 15.01 -16.64
N THR B 102 6.51 15.88 -17.30
CA THR B 102 5.15 16.17 -16.88
C THR B 102 4.27 15.08 -17.47
N LEU B 103 3.04 14.92 -16.96
CA LEU B 103 2.13 13.96 -17.57
C LEU B 103 1.80 14.35 -19.01
N GLN B 104 1.83 15.65 -19.30
CA GLN B 104 1.64 16.10 -20.68
C GLN B 104 2.71 15.52 -21.60
N GLU B 105 3.97 15.70 -21.22
CA GLU B 105 5.09 15.21 -22.01
C GLU B 105 5.06 13.68 -22.14
N TYR B 106 4.63 13.01 -21.08
CA TYR B 106 4.53 11.56 -21.03
C TYR B 106 3.60 11.07 -22.11
N VAL B 107 2.40 11.64 -22.10
CA VAL B 107 1.34 11.30 -23.04
C VAL B 107 1.73 11.61 -24.49
N GLU B 108 2.44 12.72 -24.69
CA GLU B 108 2.83 13.17 -26.02
C GLU B 108 4.01 12.39 -26.61
N GLN B 109 4.95 11.97 -25.77
CA GLN B 109 6.21 11.45 -26.26
C GLN B 109 6.34 9.94 -26.17
N LYS B 110 5.75 9.33 -25.13
CA LYS B 110 5.96 7.92 -24.83
C LYS B 110 5.11 6.98 -25.68
N ASP B 111 5.73 5.88 -26.11
CA ASP B 111 5.03 4.78 -26.75
C ASP B 111 4.35 3.95 -25.66
N PHE B 112 3.02 3.82 -25.72
CA PHE B 112 2.28 3.11 -24.68
C PHE B 112 2.26 1.60 -24.92
N ALA B 113 2.67 1.17 -26.11
CA ALA B 113 2.48 -0.21 -26.56
C ALA B 113 3.07 -1.26 -25.62
N HIS B 114 4.15 -0.92 -24.94
CA HIS B 114 4.81 -1.87 -24.05
C HIS B 114 4.79 -1.44 -22.58
N LEU B 115 4.09 -0.34 -22.29
CA LEU B 115 4.09 0.18 -20.93
C LEU B 115 3.13 -0.61 -20.04
N GLY B 116 2.31 -1.45 -20.65
CA GLY B 116 1.36 -2.24 -19.88
C GLY B 116 0.38 -1.38 -19.07
N LEU B 117 0.36 -1.57 -17.76
CA LEU B 117 -0.58 -0.87 -16.88
C LEU B 117 -0.01 0.40 -16.28
N GLU B 118 1.21 0.76 -16.67
CA GLU B 118 1.89 1.92 -16.09
C GLU B 118 1.07 3.22 -16.19
N PRO B 119 0.55 3.55 -17.40
CA PRO B 119 -0.23 4.80 -17.46
C PRO B 119 -1.46 4.81 -16.53
N ILE B 120 -2.15 3.67 -16.43
CA ILE B 120 -3.26 3.54 -15.49
C ILE B 120 -2.75 3.72 -14.05
N THR B 121 -1.57 3.16 -13.77
CA THR B 121 -0.96 3.27 -12.45
C THR B 121 -0.66 4.73 -12.11
N LEU B 122 -0.26 5.54 -13.10
CA LEU B 122 -0.01 6.96 -12.89
C LEU B 122 -1.31 7.70 -12.54
N LEU B 123 -2.40 7.34 -13.20
CA LEU B 123 -3.72 7.86 -12.83
C LEU B 123 -4.09 7.51 -11.39
N GLN B 124 -3.81 6.27 -10.98
CA GLN B 124 -4.17 5.79 -9.67
C GLN B 124 -3.40 6.52 -8.58
N GLN B 125 -2.12 6.76 -8.85
CA GLN B 125 -1.27 7.49 -7.91
C GLN B 125 -1.70 8.97 -7.86
N THR B 126 -2.13 9.51 -9.00
CA THR B 126 -2.66 10.87 -9.07
C THR B 126 -3.93 11.00 -8.21
N THR B 127 -4.80 10.01 -8.30
CA THR B 127 -6.01 9.99 -7.50
C THR B 127 -5.71 9.86 -6.01
N SER B 128 -4.67 9.10 -5.66
CA SER B 128 -4.28 8.94 -4.26
C SER B 128 -3.70 10.23 -3.69
N GLY B 129 -2.94 10.95 -4.51
CA GLY B 129 -2.49 12.28 -4.11
C GLY B 129 -3.66 13.21 -3.87
N LEU B 130 -4.64 13.18 -4.77
CA LEU B 130 -5.82 14.02 -4.68
C LEU B 130 -6.69 13.66 -3.46
N ALA B 131 -6.92 12.36 -3.25
CA ALA B 131 -7.62 11.92 -2.06
C ALA B 131 -6.92 12.43 -0.80
N HIS B 132 -5.60 12.37 -0.79
CA HIS B 132 -4.84 12.85 0.35
C HIS B 132 -5.04 14.35 0.57
N LEU B 133 -5.00 15.12 -0.52
CA LEU B 133 -5.24 16.56 -0.44
C LEU B 133 -6.64 16.87 0.09
N HIS B 134 -7.62 16.12 -0.38
CA HIS B 134 -9.00 16.35 0.02
C HIS B 134 -9.21 16.01 1.49
N SER B 135 -8.58 14.95 1.96
CA SER B 135 -8.70 14.54 3.36
C SER B 135 -8.01 15.51 4.32
N LEU B 136 -7.25 16.45 3.76
CA LEU B 136 -6.64 17.55 4.51
C LEU B 136 -7.41 18.82 4.25
N ASN B 137 -8.61 18.67 3.70
CA ASN B 137 -9.51 19.77 3.37
C ASN B 137 -8.90 20.78 2.42
N ILE B 138 -7.99 20.32 1.56
CA ILE B 138 -7.45 21.15 0.50
C ILE B 138 -8.09 20.85 -0.85
N VAL B 139 -8.58 21.90 -1.51
CA VAL B 139 -8.99 21.81 -2.90
C VAL B 139 -7.88 22.38 -3.78
N HIS B 140 -7.46 21.62 -4.77
CA HIS B 140 -6.32 22.00 -5.60
C HIS B 140 -6.72 23.08 -6.62
N ARG B 141 -7.80 22.83 -7.36
CA ARG B 141 -8.41 23.80 -8.30
C ARG B 141 -7.62 24.02 -9.59
N ASP B 142 -6.57 23.24 -9.83
CA ASP B 142 -5.78 23.44 -11.06
C ASP B 142 -5.11 22.16 -11.54
N LEU B 143 -5.76 21.03 -11.35
CA LEU B 143 -5.24 19.78 -11.88
C LEU B 143 -5.27 19.77 -13.41
N LYS B 144 -4.13 19.45 -13.99
CA LYS B 144 -3.98 19.36 -15.44
C LYS B 144 -2.69 18.55 -15.73
N PRO B 145 -2.58 17.95 -16.92
CA PRO B 145 -1.41 17.11 -17.25
C PRO B 145 -0.09 17.85 -17.06
N HIS B 146 -0.07 19.16 -17.27
CA HIS B 146 1.17 19.90 -17.19
C HIS B 146 1.76 19.93 -15.78
N ASN B 147 0.94 19.96 -14.73
CA ASN B 147 1.52 20.03 -13.38
C ASN B 147 1.41 18.73 -12.58
N ILE B 148 1.07 17.65 -13.26
CA ILE B 148 1.24 16.31 -12.73
C ILE B 148 2.62 15.80 -13.18
N LEU B 149 3.55 15.66 -12.24
CA LEU B 149 4.93 15.30 -12.60
C LEU B 149 5.19 13.80 -12.49
N ILE B 150 6.00 13.28 -13.42
CA ILE B 150 6.39 11.88 -13.45
C ILE B 150 7.85 11.73 -13.00
N SER B 151 8.09 11.03 -11.90
CA SER B 151 9.43 10.83 -11.35
C SER B 151 10.38 10.07 -12.27
N MET B 152 11.67 10.19 -11.98
CA MET B 152 12.68 9.30 -12.57
C MET B 152 12.43 7.89 -12.07
N PRO B 153 12.91 6.87 -12.81
CA PRO B 153 12.75 5.51 -12.28
C PRO B 153 13.63 5.30 -11.05
N ASN B 154 13.11 4.58 -10.06
CA ASN B 154 13.93 4.14 -8.93
C ASN B 154 14.78 2.94 -9.35
N ALA B 155 15.37 2.26 -8.37
CA ALA B 155 16.31 1.17 -8.67
C ALA B 155 15.65 0.00 -9.39
N HIS B 156 14.34 -0.12 -9.27
CA HIS B 156 13.61 -1.23 -9.89
C HIS B 156 12.83 -0.78 -11.13
N GLY B 157 13.16 0.40 -11.63
CA GLY B 157 12.51 0.94 -12.82
C GLY B 157 11.08 1.45 -12.62
N LYS B 158 10.66 1.59 -11.37
CA LYS B 158 9.31 2.05 -11.06
C LYS B 158 9.23 3.57 -10.97
N ILE B 159 8.17 4.14 -11.52
CA ILE B 159 7.96 5.57 -11.53
C ILE B 159 6.66 5.95 -10.83
N LYS B 160 6.51 7.22 -10.47
CA LYS B 160 5.27 7.66 -9.86
C LYS B 160 4.86 9.07 -10.27
N ALA B 161 3.56 9.31 -10.18
CA ALA B 161 3.00 10.61 -10.48
C ALA B 161 2.94 11.46 -9.21
N MET B 162 3.23 12.75 -9.33
CA MET B 162 3.16 13.65 -8.19
C MET B 162 2.43 14.91 -8.55
N ILE B 163 1.43 15.24 -7.75
CA ILE B 163 0.69 16.49 -7.89
C ILE B 163 1.54 17.67 -7.43
N SER B 164 1.57 18.74 -8.24
CA SER B 164 2.30 19.94 -7.89
C SER B 164 1.43 21.17 -8.15
N ASP B 165 2.03 22.35 -7.99
CA ASP B 165 1.42 23.63 -8.38
C ASP B 165 0.24 24.02 -7.50
N PHE B 166 0.54 24.48 -6.28
CA PHE B 166 -0.50 24.77 -5.31
C PHE B 166 -0.91 26.25 -5.30
N GLY B 167 -0.54 26.97 -6.37
CA GLY B 167 -0.86 28.38 -6.49
C GLY B 167 -2.33 28.78 -6.48
N LEU B 168 -3.23 27.85 -6.78
CA LEU B 168 -4.66 28.17 -6.78
C LEU B 168 -5.40 27.40 -5.70
N CYS B 169 -4.67 26.62 -4.90
CA CYS B 169 -5.31 25.74 -3.96
C CYS B 169 -6.02 26.51 -2.85
N LYS B 170 -7.00 25.85 -2.23
CA LYS B 170 -7.72 26.44 -1.12
C LYS B 170 -7.81 25.43 0.00
N LYS B 171 -7.25 25.79 1.16
CA LYS B 171 -7.48 25.01 2.36
C LYS B 171 -8.71 25.59 3.05
N LEU B 172 -9.76 24.78 3.12
CA LEU B 172 -11.02 25.19 3.70
C LEU B 172 -10.93 25.09 5.22
N ALA B 173 -11.51 26.09 5.90
CA ALA B 173 -11.51 26.10 7.36
C ALA B 173 -12.22 24.87 7.91
N VAL B 174 -11.91 24.52 9.15
CA VAL B 174 -12.48 23.36 9.81
C VAL B 174 -14.02 23.43 9.85
N GLY B 175 -14.67 22.35 9.43
CA GLY B 175 -16.12 22.33 9.36
C GLY B 175 -16.71 23.14 8.21
N ARG B 176 -15.89 23.45 7.21
CA ARG B 176 -16.35 24.09 5.98
C ARG B 176 -16.11 23.13 4.83
N HIS B 177 -17.08 23.01 3.92
CA HIS B 177 -16.97 22.00 2.87
C HIS B 177 -17.03 22.54 1.44
N SER B 178 -17.17 23.85 1.30
CA SER B 178 -17.25 24.46 -0.03
C SER B 178 -16.68 25.86 -0.02
N PHE B 179 -16.50 26.43 -1.21
CA PHE B 179 -16.04 27.81 -1.36
C PHE B 179 -16.93 28.54 -2.36
N SER B 180 -17.13 29.83 -2.18
CA SER B 180 -18.04 30.55 -3.07
C SER B 180 -17.30 31.16 -4.25
N ARG B 181 -18.05 31.48 -5.29
CA ARG B 181 -17.47 32.03 -6.51
C ARG B 181 -17.12 33.51 -6.32
N ARG B 182 -16.03 33.92 -6.98
CA ARG B 182 -15.61 35.32 -7.02
C ARG B 182 -15.34 35.66 -8.49
N SER B 183 -15.02 36.91 -8.77
CA SER B 183 -14.79 37.32 -10.16
C SER B 183 -13.47 36.80 -10.71
N GLY B 184 -12.55 36.43 -9.82
CA GLY B 184 -11.19 36.07 -10.20
C GLY B 184 -10.91 34.69 -10.79
N VAL B 185 -9.63 34.30 -10.70
CA VAL B 185 -9.07 33.13 -11.39
C VAL B 185 -9.74 31.80 -11.03
N PRO B 186 -10.43 31.20 -12.02
CA PRO B 186 -11.14 29.94 -11.80
C PRO B 186 -10.26 28.69 -12.01
N GLY B 187 -9.12 28.81 -12.68
CA GLY B 187 -8.28 27.67 -13.00
C GLY B 187 -7.61 27.81 -14.35
N THR B 188 -7.38 26.70 -15.05
CA THR B 188 -6.79 26.75 -16.39
C THR B 188 -7.86 26.47 -17.44
N GLU B 189 -8.03 27.39 -18.38
CA GLU B 189 -9.07 27.26 -19.39
C GLU B 189 -9.04 25.89 -20.05
N GLY B 190 -10.17 25.20 -20.06
CA GLY B 190 -10.25 23.88 -20.65
C GLY B 190 -10.28 22.77 -19.62
N TRP B 191 -9.97 23.11 -18.38
CA TRP B 191 -9.94 22.14 -17.29
C TRP B 191 -10.80 22.61 -16.11
N ILE B 192 -11.53 23.69 -16.33
CA ILE B 192 -12.36 24.33 -15.29
C ILE B 192 -13.76 23.71 -15.24
N ALA B 193 -14.14 23.20 -14.08
CA ALA B 193 -15.45 22.56 -13.92
C ALA B 193 -16.56 23.58 -14.17
N PRO B 194 -17.68 23.14 -14.78
CA PRO B 194 -18.75 24.04 -15.22
C PRO B 194 -19.28 24.95 -14.10
N GLU B 195 -19.37 24.43 -12.89
CA GLU B 195 -19.96 25.15 -11.77
C GLU B 195 -19.13 26.37 -11.34
N MET B 196 -17.90 26.47 -11.86
CA MET B 196 -17.08 27.66 -11.63
C MET B 196 -17.51 28.83 -12.52
N LEU B 197 -18.20 28.54 -13.61
CA LEU B 197 -18.46 29.56 -14.63
C LEU B 197 -19.91 29.58 -15.14
N SER B 198 -20.72 28.61 -14.71
CA SER B 198 -22.07 28.48 -15.26
C SER B 198 -23.01 29.58 -14.76
N GLU B 199 -24.10 29.78 -15.49
CA GLU B 199 -25.02 30.90 -15.27
C GLU B 199 -25.98 30.69 -14.11
N ASP B 200 -26.71 29.58 -14.12
CA ASP B 200 -27.74 29.35 -13.12
C ASP B 200 -27.29 28.36 -12.04
N CYS B 201 -26.04 28.48 -11.61
CA CYS B 201 -25.50 27.57 -10.61
C CYS B 201 -25.96 27.93 -9.21
N LYS B 202 -26.68 27.03 -8.56
CA LYS B 202 -27.28 27.31 -7.27
C LYS B 202 -26.59 26.58 -6.13
N GLU B 203 -25.36 26.13 -6.38
CA GLU B 203 -24.60 25.41 -5.36
C GLU B 203 -23.14 25.84 -5.41
N ASN B 204 -22.52 25.97 -4.25
CA ASN B 204 -21.11 26.36 -4.17
C ASN B 204 -20.22 25.25 -4.72
N PRO B 205 -19.13 25.64 -5.40
CA PRO B 205 -18.09 24.68 -5.77
C PRO B 205 -17.48 24.02 -4.54
N THR B 206 -17.10 22.76 -4.66
CA THR B 206 -16.43 22.07 -3.56
C THR B 206 -15.30 21.16 -4.10
N TYR B 207 -14.96 20.10 -3.36
CA TYR B 207 -13.87 19.20 -3.72
C TYR B 207 -14.00 18.64 -5.12
N THR B 208 -15.24 18.46 -5.57
CA THR B 208 -15.50 17.80 -6.85
C THR B 208 -15.11 18.62 -8.09
N VAL B 209 -14.71 19.88 -7.93
CA VAL B 209 -14.13 20.58 -9.09
C VAL B 209 -12.86 19.84 -9.51
N ASP B 210 -12.14 19.28 -8.53
CA ASP B 210 -10.92 18.52 -8.80
C ASP B 210 -11.23 17.18 -9.46
N ILE B 211 -12.36 16.58 -9.10
CA ILE B 211 -12.76 15.32 -9.71
C ILE B 211 -13.12 15.54 -11.18
N PHE B 212 -13.71 16.70 -11.49
CA PHE B 212 -14.00 17.02 -12.88
C PHE B 212 -12.73 17.12 -13.73
N SER B 213 -11.79 17.95 -13.28
CA SER B 213 -10.48 18.05 -13.94
C SER B 213 -9.82 16.68 -14.10
N ALA B 214 -9.85 15.88 -13.04
CA ALA B 214 -9.16 14.60 -13.01
C ALA B 214 -9.78 13.66 -14.02
N GLY B 215 -11.09 13.78 -14.21
CA GLY B 215 -11.80 12.96 -15.19
C GLY B 215 -11.37 13.28 -16.61
N CYS B 216 -11.12 14.57 -16.85
CA CYS B 216 -10.57 15.00 -18.12
C CYS B 216 -9.13 14.44 -18.30
N VAL B 217 -8.35 14.45 -17.22
CA VAL B 217 -7.00 13.90 -17.22
C VAL B 217 -6.98 12.40 -17.54
N PHE B 218 -7.84 11.62 -16.87
CA PHE B 218 -7.98 10.18 -17.13
C PHE B 218 -8.17 9.91 -18.63
N TYR B 219 -9.11 10.61 -19.25
CA TYR B 219 -9.41 10.42 -20.67
C TYR B 219 -8.23 10.89 -21.53
N TYR B 220 -7.57 11.97 -21.11
CA TYR B 220 -6.41 12.45 -21.81
C TYR B 220 -5.29 11.41 -21.87
N VAL B 221 -5.09 10.68 -20.77
CA VAL B 221 -4.06 9.65 -20.73
C VAL B 221 -4.44 8.42 -21.55
N ILE B 222 -5.60 7.85 -21.27
CA ILE B 222 -5.94 6.60 -21.93
C ILE B 222 -6.29 6.80 -23.42
N SER B 223 -6.71 8.00 -23.82
CA SER B 223 -6.91 8.28 -25.24
C SER B 223 -5.62 8.76 -25.90
N GLU B 224 -4.58 8.91 -25.07
CA GLU B 224 -3.27 9.40 -25.51
C GLU B 224 -3.34 10.76 -26.20
N GLY B 225 -4.05 11.71 -25.60
CA GLY B 225 -3.97 13.09 -26.04
C GLY B 225 -5.30 13.79 -26.31
N SER B 226 -6.40 13.07 -26.26
CA SER B 226 -7.71 13.69 -26.48
C SER B 226 -8.33 14.24 -25.19
N HIS B 227 -9.35 15.06 -25.36
CA HIS B 227 -10.01 15.71 -24.25
C HIS B 227 -11.50 15.50 -24.45
N PRO B 228 -12.25 15.24 -23.36
CA PRO B 228 -13.69 15.00 -23.47
C PRO B 228 -14.46 16.16 -24.08
N PHE B 229 -13.93 17.38 -23.96
CA PHE B 229 -14.70 18.53 -24.42
C PHE B 229 -14.06 19.18 -25.64
N GLY B 230 -13.23 18.40 -26.34
CA GLY B 230 -12.76 18.76 -27.67
C GLY B 230 -11.38 19.36 -27.73
N LYS B 231 -11.08 20.00 -28.86
CA LYS B 231 -9.79 20.65 -29.07
C LYS B 231 -9.66 21.89 -28.22
N SER B 232 -8.41 22.25 -27.97
CA SER B 232 -8.06 23.26 -26.97
C SER B 232 -8.92 24.53 -27.03
N LEU B 233 -9.17 25.03 -28.24
CA LEU B 233 -9.90 26.27 -28.42
C LEU B 233 -11.41 26.18 -28.16
N GLN B 234 -11.96 24.97 -28.19
CA GLN B 234 -13.40 24.78 -27.99
C GLN B 234 -13.75 24.23 -26.60
N ARG B 235 -12.74 23.75 -25.88
CA ARG B 235 -12.95 23.00 -24.63
C ARG B 235 -13.85 23.70 -23.62
N GLN B 236 -13.45 24.87 -23.15
CA GLN B 236 -14.14 25.51 -22.05
C GLN B 236 -15.57 25.87 -22.46
N ALA B 237 -15.73 26.35 -23.69
CA ALA B 237 -17.05 26.63 -24.23
C ALA B 237 -17.91 25.37 -24.25
N ASN B 238 -17.29 24.24 -24.61
CA ASN B 238 -18.01 22.97 -24.63
C ASN B 238 -18.38 22.49 -23.24
N ILE B 239 -17.51 22.77 -22.27
CA ILE B 239 -17.80 22.44 -20.88
C ILE B 239 -19.05 23.19 -20.42
N LEU B 240 -19.18 24.46 -20.79
CA LEU B 240 -20.37 25.23 -20.44
C LEU B 240 -21.63 24.62 -21.05
N LEU B 241 -21.50 24.10 -22.27
CA LEU B 241 -22.64 23.52 -22.96
C LEU B 241 -22.96 22.12 -22.46
N GLY B 242 -21.97 21.48 -21.85
CA GLY B 242 -22.10 20.10 -21.44
C GLY B 242 -21.89 19.17 -22.63
N ALA B 243 -21.25 19.71 -23.65
CA ALA B 243 -21.01 18.97 -24.89
C ALA B 243 -19.72 18.18 -24.82
N CYS B 244 -19.81 16.92 -24.41
CA CYS B 244 -18.63 16.09 -24.29
C CYS B 244 -18.73 14.84 -25.16
N SER B 245 -17.56 14.30 -25.51
CA SER B 245 -17.48 13.11 -26.34
C SER B 245 -16.29 12.26 -25.92
N LEU B 246 -16.53 10.96 -25.78
CA LEU B 246 -15.50 10.03 -25.32
C LEU B 246 -15.28 8.89 -26.30
N ASP B 247 -15.27 9.21 -27.59
CA ASP B 247 -15.38 8.18 -28.59
C ASP B 247 -14.05 7.53 -28.99
N CYS B 248 -13.00 7.83 -28.25
CA CYS B 248 -11.79 7.01 -28.31
C CYS B 248 -12.02 5.71 -27.56
N LEU B 249 -13.08 5.70 -26.75
CA LEU B 249 -13.47 4.53 -25.97
C LEU B 249 -14.55 3.75 -26.71
N HIS B 250 -14.26 2.51 -27.07
CA HIS B 250 -15.15 1.74 -27.94
C HIS B 250 -16.15 0.90 -27.14
N PRO B 251 -17.42 0.92 -27.57
CA PRO B 251 -18.56 0.34 -26.84
C PRO B 251 -18.49 -1.18 -26.64
N GLU B 252 -17.63 -1.87 -27.38
CA GLU B 252 -17.61 -3.32 -27.30
C GLU B 252 -16.27 -3.86 -26.83
N LYS B 253 -15.49 -3.00 -26.18
CA LYS B 253 -14.25 -3.43 -25.56
C LYS B 253 -14.35 -3.28 -24.05
N HIS B 254 -14.25 -4.41 -23.35
CA HIS B 254 -14.40 -4.47 -21.89
C HIS B 254 -13.66 -3.35 -21.18
N GLU B 255 -12.36 -3.23 -21.43
CA GLU B 255 -11.56 -2.19 -20.79
C GLU B 255 -12.08 -0.78 -21.09
N ASP B 256 -12.55 -0.58 -22.32
CA ASP B 256 -13.05 0.73 -22.74
C ASP B 256 -14.39 1.06 -22.10
N VAL B 257 -15.23 0.04 -21.96
CA VAL B 257 -16.53 0.21 -21.33
C VAL B 257 -16.37 0.62 -19.86
N ILE B 258 -15.43 -0.04 -19.18
CA ILE B 258 -15.17 0.23 -17.77
C ILE B 258 -14.63 1.66 -17.56
N ALA B 259 -13.68 2.06 -18.41
CA ALA B 259 -13.11 3.40 -18.33
C ALA B 259 -14.16 4.47 -18.60
N ARG B 260 -15.04 4.18 -19.56
CA ARG B 260 -16.11 5.11 -19.92
C ARG B 260 -17.09 5.30 -18.78
N GLU B 261 -17.39 4.21 -18.08
CA GLU B 261 -18.33 4.24 -16.98
C GLU B 261 -17.84 5.19 -15.88
N LEU B 262 -16.56 5.06 -15.52
CA LEU B 262 -15.96 5.92 -14.51
C LEU B 262 -15.83 7.38 -14.97
N ILE B 263 -15.29 7.58 -16.17
CA ILE B 263 -14.96 8.93 -16.63
C ILE B 263 -16.22 9.78 -16.83
N GLU B 264 -17.27 9.18 -17.39
CA GLU B 264 -18.57 9.86 -17.52
C GLU B 264 -19.09 10.42 -16.19
N LYS B 265 -18.97 9.63 -15.13
CA LYS B 265 -19.36 10.11 -13.79
C LYS B 265 -18.45 11.24 -13.31
N MET B 266 -17.15 11.10 -13.54
CA MET B 266 -16.18 12.08 -13.05
C MET B 266 -16.38 13.44 -13.70
N ILE B 267 -16.77 13.47 -14.96
CA ILE B 267 -16.96 14.76 -15.65
C ILE B 267 -18.43 15.18 -15.73
N ALA B 268 -19.26 14.66 -14.82
CA ALA B 268 -20.67 15.00 -14.82
C ALA B 268 -20.90 16.50 -14.60
N MET B 269 -21.83 17.07 -15.35
CA MET B 269 -22.18 18.49 -15.25
C MET B 269 -22.64 18.84 -13.84
N ASP B 270 -23.51 17.99 -13.29
CA ASP B 270 -23.93 18.11 -11.89
C ASP B 270 -22.82 17.57 -11.00
N PRO B 271 -22.22 18.44 -10.18
CA PRO B 271 -21.12 18.05 -9.28
C PRO B 271 -21.52 16.94 -8.30
N GLN B 272 -22.76 16.95 -7.84
CA GLN B 272 -23.21 15.99 -6.84
C GLN B 272 -23.30 14.57 -7.40
N LYS B 273 -23.13 14.42 -8.70
CA LYS B 273 -23.11 13.09 -9.29
C LYS B 273 -21.68 12.56 -9.50
N ARG B 274 -20.67 13.38 -9.22
CA ARG B 274 -19.30 12.95 -9.37
C ARG B 274 -18.82 12.19 -8.12
N PRO B 275 -18.11 11.08 -8.32
CA PRO B 275 -17.56 10.34 -7.20
C PRO B 275 -16.43 11.10 -6.51
N SER B 276 -16.31 10.97 -5.19
CA SER B 276 -15.14 11.49 -4.48
C SER B 276 -13.90 10.75 -4.95
N ALA B 277 -12.73 11.32 -4.67
CA ALA B 277 -11.47 10.66 -5.02
C ALA B 277 -11.41 9.25 -4.45
N LYS B 278 -11.97 9.06 -3.26
CA LYS B 278 -11.92 7.75 -2.62
C LYS B 278 -12.84 6.72 -3.26
N HIS B 279 -13.98 7.17 -3.78
CA HIS B 279 -14.87 6.35 -4.63
C HIS B 279 -14.15 5.91 -5.90
N VAL B 280 -13.58 6.90 -6.59
CA VAL B 280 -12.79 6.71 -7.79
C VAL B 280 -11.81 5.54 -7.62
N LEU B 281 -11.10 5.55 -6.50
CA LEU B 281 -10.06 4.56 -6.21
C LEU B 281 -10.62 3.14 -6.06
N LYS B 282 -11.91 3.03 -5.78
CA LYS B 282 -12.59 1.72 -5.63
C LYS B 282 -13.16 1.19 -6.95
N HIS B 283 -13.11 2.00 -8.00
CA HIS B 283 -13.74 1.64 -9.26
C HIS B 283 -12.98 0.49 -9.98
N PRO B 284 -13.73 -0.40 -10.65
CA PRO B 284 -13.18 -1.53 -11.42
C PRO B 284 -12.08 -1.15 -12.42
N PHE B 285 -12.11 0.09 -12.91
CA PHE B 285 -11.03 0.65 -13.72
C PHE B 285 -9.62 0.29 -13.19
N PHE B 286 -9.48 0.26 -11.86
CA PHE B 286 -8.21 -0.07 -11.23
C PHE B 286 -8.09 -1.54 -10.75
N TRP B 287 -9.09 -2.37 -11.04
CA TRP B 287 -9.07 -3.74 -10.54
C TRP B 287 -8.21 -4.67 -11.37
N SER B 288 -7.36 -5.44 -10.71
CA SER B 288 -6.68 -6.55 -11.36
C SER B 288 -7.69 -7.57 -11.90
N LEU B 289 -7.28 -8.34 -12.89
CA LEU B 289 -8.10 -9.41 -13.44
C LEU B 289 -8.57 -10.37 -12.35
N GLU B 290 -7.70 -10.65 -11.38
CA GLU B 290 -8.05 -11.52 -10.26
C GLU B 290 -9.21 -10.95 -9.45
N LYS B 291 -9.15 -9.66 -9.16
CA LYS B 291 -10.19 -9.02 -8.34
C LYS B 291 -11.49 -8.94 -9.11
N GLN B 292 -11.40 -8.79 -10.43
CA GLN B 292 -12.61 -8.78 -11.25
C GLN B 292 -13.35 -10.11 -11.15
N LEU B 293 -12.59 -11.20 -11.13
CA LEU B 293 -13.16 -12.53 -11.01
C LEU B 293 -13.80 -12.74 -9.64
N GLN B 294 -13.09 -12.32 -8.59
CA GLN B 294 -13.58 -12.49 -7.24
C GLN B 294 -14.88 -11.71 -7.06
N PHE B 295 -14.98 -10.56 -7.71
CA PHE B 295 -16.22 -9.78 -7.72
C PHE B 295 -17.36 -10.58 -8.34
N PHE B 296 -17.10 -11.21 -9.49
CA PHE B 296 -18.13 -11.99 -10.16
C PHE B 296 -18.60 -13.15 -9.29
N GLN B 297 -17.68 -13.71 -8.51
CA GLN B 297 -18.01 -14.83 -7.63
C GLN B 297 -18.85 -14.40 -6.43
N ASP B 298 -18.43 -13.30 -5.80
CA ASP B 298 -19.15 -12.77 -4.64
C ASP B 298 -20.55 -12.31 -5.03
N VAL B 299 -20.66 -11.67 -6.19
CA VAL B 299 -21.95 -11.23 -6.70
C VAL B 299 -22.86 -12.45 -6.88
N SER B 300 -22.33 -13.46 -7.56
CA SER B 300 -23.05 -14.72 -7.76
C SER B 300 -23.55 -15.30 -6.44
N ASP B 301 -22.68 -15.33 -5.43
CA ASP B 301 -23.03 -15.87 -4.11
C ASP B 301 -24.13 -15.04 -3.42
N ARG B 302 -24.05 -13.72 -3.58
CA ARG B 302 -25.00 -12.82 -2.94
C ARG B 302 -26.43 -13.02 -3.44
N ILE B 303 -26.56 -13.31 -4.73
CA ILE B 303 -27.87 -13.31 -5.39
C ILE B 303 -28.46 -14.71 -5.65
N GLU B 304 -27.74 -15.75 -5.25
CA GLU B 304 -28.15 -17.12 -5.53
C GLU B 304 -29.52 -17.51 -4.98
N LYS B 305 -29.90 -16.93 -3.83
CA LYS B 305 -31.17 -17.25 -3.20
C LYS B 305 -32.15 -16.08 -3.32
N GLU B 306 -31.70 -14.98 -3.92
CA GLU B 306 -32.52 -13.79 -4.06
C GLU B 306 -33.77 -14.06 -4.89
N SER B 307 -34.86 -13.40 -4.53
CA SER B 307 -36.13 -13.52 -5.24
C SER B 307 -36.06 -12.85 -6.61
N LEU B 308 -36.66 -13.49 -7.60
CA LEU B 308 -36.66 -12.99 -8.98
C LEU B 308 -37.35 -11.63 -9.12
N ASP B 309 -38.43 -11.42 -8.38
CA ASP B 309 -39.13 -10.15 -8.37
C ASP B 309 -38.43 -9.14 -7.46
N GLY B 310 -37.47 -9.65 -6.69
CA GLY B 310 -36.73 -8.85 -5.73
C GLY B 310 -36.01 -7.67 -6.36
N PRO B 311 -35.83 -6.59 -5.60
CA PRO B 311 -35.24 -5.37 -6.13
C PRO B 311 -33.79 -5.54 -6.61
N ILE B 312 -33.10 -6.59 -6.16
CA ILE B 312 -31.69 -6.78 -6.52
C ILE B 312 -31.47 -7.41 -7.89
N VAL B 313 -32.14 -8.52 -8.20
CA VAL B 313 -31.86 -9.17 -9.47
C VAL B 313 -32.65 -8.49 -10.59
N LYS B 314 -33.78 -7.88 -10.23
CA LYS B 314 -34.54 -7.05 -11.17
C LYS B 314 -33.66 -5.90 -11.65
N GLN B 315 -32.92 -5.31 -10.73
CA GLN B 315 -31.96 -4.26 -11.04
C GLN B 315 -30.90 -4.80 -12.01
N LEU B 316 -30.54 -6.06 -11.81
CA LEU B 316 -29.49 -6.70 -12.58
C LEU B 316 -29.98 -7.11 -13.97
N GLU B 317 -31.25 -7.47 -14.06
CA GLU B 317 -31.79 -7.93 -15.33
C GLU B 317 -32.33 -6.77 -16.17
N ARG B 318 -32.46 -5.60 -15.55
CA ARG B 318 -32.89 -4.41 -16.27
C ARG B 318 -31.87 -4.04 -17.34
N GLY B 319 -32.27 -4.15 -18.59
CA GLY B 319 -31.35 -3.94 -19.70
C GLY B 319 -30.43 -5.13 -19.88
N GLY B 320 -30.80 -6.25 -19.26
CA GLY B 320 -29.97 -7.44 -19.24
C GLY B 320 -29.74 -8.10 -20.58
N ARG B 321 -30.74 -8.03 -21.47
CA ARG B 321 -30.67 -8.73 -22.75
C ARG B 321 -29.52 -8.25 -23.63
N ALA B 322 -29.28 -6.94 -23.67
CA ALA B 322 -28.17 -6.39 -24.43
C ALA B 322 -26.82 -6.83 -23.88
N VAL B 323 -26.75 -6.96 -22.55
CA VAL B 323 -25.53 -7.37 -21.87
C VAL B 323 -25.12 -8.79 -22.25
N VAL B 324 -26.09 -9.72 -22.19
CA VAL B 324 -25.81 -11.12 -22.49
C VAL B 324 -25.97 -11.43 -23.97
N LYS B 325 -26.13 -10.39 -24.79
CA LYS B 325 -26.29 -10.52 -26.24
C LYS B 325 -27.46 -11.43 -26.60
N MET B 326 -28.64 -11.11 -26.06
CA MET B 326 -29.88 -11.85 -26.29
C MET B 326 -29.84 -13.28 -25.74
N ASP B 327 -28.80 -14.04 -26.08
CA ASP B 327 -28.64 -15.39 -25.57
C ASP B 327 -27.15 -15.72 -25.42
N TRP B 328 -26.68 -15.76 -24.17
CA TRP B 328 -25.25 -15.93 -23.93
C TRP B 328 -24.76 -17.35 -24.25
N ARG B 329 -25.68 -18.31 -24.22
CA ARG B 329 -25.34 -19.68 -24.58
C ARG B 329 -24.88 -19.75 -26.03
N GLU B 330 -25.35 -18.80 -26.83
CA GLU B 330 -25.03 -18.74 -28.25
C GLU B 330 -23.84 -17.84 -28.55
N ASN B 331 -23.10 -17.44 -27.51
CA ASN B 331 -21.99 -16.52 -27.70
C ASN B 331 -20.70 -16.95 -26.98
N ILE B 332 -20.66 -18.21 -26.58
CA ILE B 332 -19.47 -18.79 -25.99
C ILE B 332 -18.91 -19.83 -26.94
N THR B 333 -17.73 -20.38 -26.63
CA THR B 333 -17.13 -21.38 -27.51
C THR B 333 -17.81 -22.74 -27.32
N VAL B 334 -17.80 -23.55 -28.37
CA VAL B 334 -18.51 -24.83 -28.35
C VAL B 334 -17.95 -25.87 -27.35
N PRO B 335 -16.63 -25.83 -26.99
CA PRO B 335 -16.29 -26.78 -25.93
C PRO B 335 -16.89 -26.42 -24.58
N LEU B 336 -17.24 -25.15 -24.40
CA LEU B 336 -17.92 -24.72 -23.17
C LEU B 336 -19.42 -24.95 -23.29
N GLN B 337 -19.95 -24.81 -24.51
CA GLN B 337 -21.36 -25.06 -24.77
C GLN B 337 -21.70 -26.53 -24.55
N THR B 338 -20.67 -27.36 -24.50
CA THR B 338 -20.81 -28.79 -24.21
C THR B 338 -21.50 -29.04 -22.87
N ASP B 339 -20.92 -28.51 -21.80
CA ASP B 339 -21.48 -28.69 -20.47
C ASP B 339 -22.29 -27.48 -20.03
N TYR B 346 -28.98 -23.23 -18.81
CA TYR B 346 -29.42 -22.05 -18.05
C TYR B 346 -30.39 -21.21 -18.86
N LYS B 347 -30.78 -20.08 -18.29
CA LYS B 347 -31.56 -19.07 -19.01
C LYS B 347 -30.60 -18.10 -19.72
N GLY B 348 -30.52 -18.22 -21.04
CA GLY B 348 -29.57 -17.47 -21.84
C GLY B 348 -29.79 -15.97 -21.92
N GLY B 349 -30.99 -15.52 -21.55
CA GLY B 349 -31.30 -14.11 -21.56
C GLY B 349 -31.12 -13.48 -20.18
N SER B 350 -30.54 -14.26 -19.26
CA SER B 350 -30.34 -13.80 -17.89
C SER B 350 -28.86 -13.54 -17.56
N VAL B 351 -28.59 -12.35 -17.04
CA VAL B 351 -27.27 -12.01 -16.54
C VAL B 351 -26.88 -12.94 -15.38
N ARG B 352 -27.83 -13.12 -14.47
CA ARG B 352 -27.66 -13.96 -13.29
C ARG B 352 -27.21 -15.39 -13.63
N ASP B 353 -27.78 -15.97 -14.68
CA ASP B 353 -27.40 -17.32 -15.07
C ASP B 353 -26.03 -17.36 -15.76
N LEU B 354 -25.68 -16.26 -16.42
CA LEU B 354 -24.35 -16.12 -16.99
C LEU B 354 -23.32 -16.14 -15.86
N LEU B 355 -23.61 -15.41 -14.80
CA LEU B 355 -22.73 -15.35 -13.64
C LEU B 355 -22.71 -16.65 -12.85
N ARG B 356 -23.86 -17.31 -12.74
CA ARG B 356 -23.93 -18.63 -12.12
C ARG B 356 -23.06 -19.63 -12.86
N ALA B 357 -23.14 -19.60 -14.19
CA ALA B 357 -22.32 -20.47 -15.04
C ALA B 357 -20.84 -20.21 -14.83
N MET B 358 -20.46 -18.93 -14.72
CA MET B 358 -19.06 -18.58 -14.50
C MET B 358 -18.55 -19.08 -13.14
N ARG B 359 -19.36 -18.89 -12.10
CA ARG B 359 -19.00 -19.30 -10.76
C ARG B 359 -18.86 -20.80 -10.68
N ASN B 360 -19.84 -21.49 -11.25
CA ASN B 360 -19.84 -22.93 -11.31
C ASN B 360 -18.59 -23.49 -11.99
N LYS B 361 -18.27 -22.97 -13.18
CA LYS B 361 -17.10 -23.44 -13.93
C LYS B 361 -15.78 -23.11 -13.24
N LYS B 362 -15.74 -22.00 -12.52
CA LYS B 362 -14.54 -21.66 -11.74
C LYS B 362 -14.40 -22.61 -10.58
N HIS B 363 -15.51 -22.85 -9.90
CA HIS B 363 -15.54 -23.71 -8.72
C HIS B 363 -15.15 -25.14 -9.03
N HIS B 364 -15.65 -25.66 -10.14
CA HIS B 364 -15.38 -27.04 -10.54
C HIS B 364 -14.32 -27.11 -11.64
N TYR B 365 -13.37 -26.17 -11.61
CA TYR B 365 -12.41 -26.04 -12.69
C TYR B 365 -11.46 -27.23 -12.80
N ARG B 366 -11.10 -27.83 -11.67
CA ARG B 366 -10.14 -28.93 -11.66
C ARG B 366 -10.71 -30.19 -12.30
N GLU B 367 -11.99 -30.45 -12.05
CA GLU B 367 -12.58 -31.74 -12.38
C GLU B 367 -13.35 -31.77 -13.70
N LEU B 368 -13.40 -30.65 -14.41
CA LEU B 368 -14.05 -30.62 -15.71
C LEU B 368 -12.99 -30.77 -16.82
N PRO B 369 -13.35 -31.42 -17.94
CA PRO B 369 -12.41 -31.96 -18.93
C PRO B 369 -11.36 -30.98 -19.44
N ALA B 370 -10.31 -31.54 -20.04
CA ALA B 370 -9.12 -30.79 -20.44
C ALA B 370 -9.41 -29.73 -21.51
N GLU B 371 -10.12 -30.13 -22.56
CA GLU B 371 -10.38 -29.22 -23.68
C GLU B 371 -11.27 -28.05 -23.28
N VAL B 372 -12.06 -28.22 -22.23
CA VAL B 372 -12.87 -27.13 -21.70
C VAL B 372 -11.99 -26.15 -20.92
N ARG B 373 -11.06 -26.69 -20.14
CA ARG B 373 -10.10 -25.88 -19.42
C ARG B 373 -9.20 -25.11 -20.38
N GLU B 374 -9.06 -25.65 -21.59
CA GLU B 374 -8.19 -25.04 -22.58
C GLU B 374 -8.78 -23.77 -23.18
N THR B 375 -10.06 -23.83 -23.58
CA THR B 375 -10.72 -22.66 -24.18
C THR B 375 -10.95 -21.54 -23.17
N LEU B 376 -11.21 -21.91 -21.91
CA LEU B 376 -11.36 -20.93 -20.84
C LEU B 376 -10.03 -20.25 -20.53
N GLY B 377 -8.97 -21.05 -20.40
CA GLY B 377 -7.66 -20.54 -20.05
C GLY B 377 -7.39 -20.74 -18.57
N SER B 378 -6.16 -20.43 -18.14
CA SER B 378 -5.79 -20.64 -16.75
C SER B 378 -6.51 -19.65 -15.82
N LEU B 379 -6.62 -20.03 -14.54
CA LEU B 379 -7.18 -19.16 -13.51
C LEU B 379 -6.09 -18.27 -12.94
N PRO B 380 -6.44 -17.03 -12.57
CA PRO B 380 -7.77 -16.42 -12.77
C PRO B 380 -7.82 -15.53 -14.01
N ASP B 381 -6.65 -15.11 -14.49
CA ASP B 381 -6.53 -14.09 -15.52
C ASP B 381 -7.21 -14.46 -16.83
N ASP B 382 -6.82 -15.59 -17.41
CA ASP B 382 -7.35 -16.02 -18.70
C ASP B 382 -8.84 -16.40 -18.63
N PHE B 383 -9.25 -16.95 -17.48
CA PHE B 383 -10.64 -17.36 -17.29
C PHE B 383 -11.59 -16.18 -17.28
N VAL B 384 -11.27 -15.14 -16.50
CA VAL B 384 -12.18 -13.99 -16.43
C VAL B 384 -12.18 -13.27 -17.78
N CYS B 385 -11.05 -13.27 -18.48
CA CYS B 385 -10.96 -12.61 -19.78
C CYS B 385 -11.77 -13.34 -20.84
N TYR B 386 -11.98 -14.63 -20.65
CA TYR B 386 -12.83 -15.41 -21.56
C TYR B 386 -14.23 -14.81 -21.61
N PHE B 387 -14.74 -14.41 -20.45
CA PHE B 387 -16.08 -13.87 -20.35
C PHE B 387 -16.16 -12.37 -20.56
N THR B 388 -15.18 -11.62 -20.05
CA THR B 388 -15.23 -10.17 -20.18
C THR B 388 -14.96 -9.75 -21.63
N SER B 389 -14.13 -10.49 -22.34
CA SER B 389 -13.86 -10.18 -23.74
C SER B 389 -15.07 -10.51 -24.62
N ARG B 390 -15.87 -11.49 -24.19
CA ARG B 390 -17.03 -11.90 -24.96
C ARG B 390 -18.28 -11.16 -24.51
N PHE B 391 -18.27 -10.60 -23.30
CA PHE B 391 -19.37 -9.79 -22.83
C PHE B 391 -18.86 -8.48 -22.23
N PRO B 392 -18.50 -7.53 -23.09
CA PRO B 392 -17.77 -6.31 -22.71
C PRO B 392 -18.56 -5.37 -21.81
N HIS B 393 -19.87 -5.60 -21.64
CA HIS B 393 -20.67 -4.78 -20.74
C HIS B 393 -20.98 -5.48 -19.42
N LEU B 394 -20.59 -6.74 -19.30
CA LEU B 394 -20.91 -7.56 -18.14
C LEU B 394 -20.44 -6.96 -16.82
N LEU B 395 -19.16 -6.64 -16.71
CA LEU B 395 -18.63 -6.10 -15.47
C LEU B 395 -19.27 -4.74 -15.10
N ALA B 396 -19.26 -3.80 -16.04
CA ALA B 396 -19.79 -2.45 -15.80
C ALA B 396 -21.25 -2.49 -15.38
N HIS B 397 -22.03 -3.30 -16.08
CA HIS B 397 -23.46 -3.46 -15.80
C HIS B 397 -23.69 -4.01 -14.39
N THR B 398 -22.96 -5.07 -14.07
CA THR B 398 -23.07 -5.75 -12.79
C THR B 398 -22.59 -4.88 -11.62
N TYR B 399 -21.50 -4.15 -11.83
CA TYR B 399 -20.97 -3.23 -10.83
C TYR B 399 -22.01 -2.17 -10.44
N ARG B 400 -22.66 -1.60 -11.45
CA ARG B 400 -23.67 -0.56 -11.22
C ARG B 400 -24.91 -1.12 -10.53
N ALA B 401 -25.40 -2.24 -11.01
CA ALA B 401 -26.57 -2.88 -10.42
C ALA B 401 -26.34 -3.27 -8.97
N MET B 402 -25.18 -3.87 -8.69
CA MET B 402 -24.87 -4.36 -7.35
C MET B 402 -24.42 -3.26 -6.40
N GLU B 403 -24.50 -2.01 -6.86
CA GLU B 403 -24.31 -0.87 -5.98
C GLU B 403 -25.41 -0.87 -4.90
N LEU B 404 -26.48 -1.62 -5.13
CA LEU B 404 -27.55 -1.80 -4.14
C LEU B 404 -27.04 -2.48 -2.86
N CYS B 405 -25.93 -3.21 -2.98
CA CYS B 405 -25.37 -3.92 -1.83
C CYS B 405 -24.08 -3.28 -1.38
N SER B 406 -23.86 -2.03 -1.78
CA SER B 406 -22.57 -1.36 -1.57
C SER B 406 -22.27 -1.07 -0.09
N HIS B 407 -23.28 -1.11 0.76
CA HIS B 407 -23.06 -0.85 2.18
C HIS B 407 -22.98 -2.15 2.99
N GLU B 408 -23.17 -3.28 2.34
CA GLU B 408 -22.99 -4.56 3.02
C GLU B 408 -21.50 -4.84 3.17
N ARG B 409 -21.11 -5.30 4.36
CA ARG B 409 -19.71 -5.58 4.69
C ARG B 409 -18.99 -6.44 3.63
N LEU B 410 -19.73 -7.38 3.06
CA LEU B 410 -19.19 -8.31 2.09
C LEU B 410 -18.73 -7.65 0.79
N PHE B 411 -19.34 -6.51 0.46
CA PHE B 411 -18.98 -5.79 -0.78
C PHE B 411 -18.07 -4.59 -0.52
N GLN B 412 -17.56 -4.51 0.71
CA GLN B 412 -16.53 -3.52 1.08
C GLN B 412 -15.32 -3.47 0.16
N PRO B 413 -14.81 -4.62 -0.31
CA PRO B 413 -13.67 -4.49 -1.22
C PRO B 413 -13.99 -3.77 -2.54
N TYR B 414 -15.26 -3.64 -2.88
CA TYR B 414 -15.67 -3.25 -4.23
C TYR B 414 -16.26 -1.86 -4.32
N TYR B 415 -16.80 -1.37 -3.21
CA TYR B 415 -17.40 -0.03 -3.19
C TYR B 415 -16.85 0.75 -2.00
N PHE B 416 -16.72 2.06 -2.14
CA PHE B 416 -16.29 2.88 -1.01
C PHE B 416 -17.49 3.27 -0.15
N HIS B 417 -17.49 2.81 1.09
CA HIS B 417 -18.57 3.14 2.01
C HIS B 417 -18.36 4.53 2.62
C4 QFV C . 20.77 6.95 14.43
C5 QFV C . 20.65 8.34 14.24
C6 QFV C . 19.74 9.07 15.06
C7 QFV C . 18.99 8.39 16.05
C10 QFV C . 17.19 9.78 18.91
C13 QFV C . 19.50 8.79 20.04
C15 QFV C . 15.93 10.35 18.34
C17 QFV C . 14.53 11.13 16.57
C22 QFV C . 12.98 11.26 21.08
C24 QFV C . 12.02 12.22 21.80
C26 QFV C . 11.66 10.48 23.56
C28 QFV C . 12.60 9.82 21.41
C1 QFV C . 18.34 6.23 17.20
C2 QFV C . 19.13 7.03 16.18
C3 QFV C . 20.01 6.33 15.38
O8 QFV C . 18.13 9.14 16.79
C9 QFV C . 18.23 9.23 18.15
C11 QFV C . 17.35 9.84 20.30
C12 QFV C . 18.52 9.34 20.85
N14 QFV C . 19.33 8.76 18.73
C16 QFV C . 15.73 10.59 16.98
N18 QFV C . 13.61 11.43 17.48
C19 QFV C . 13.83 11.19 18.75
N20 QFV C . 14.96 10.67 19.18
N21 QFV C . 12.84 11.52 19.65
C25 QFV C . 12.03 11.95 23.31
N27 QFV C . 12.66 9.63 22.88
C29 QFV C . 19.62 10.46 14.89
C30 QFV C . 20.36 11.08 13.92
C31 QFV C . 21.24 10.36 13.11
C32 QFV C . 21.40 9.00 13.26
N33 QFV C . 22.30 8.28 12.44
S34 QFV C . 21.76 7.41 11.13
O35 QFV C . 22.68 6.36 10.87
O36 QFV C . 20.38 7.14 11.35
C37 QFV C . 21.79 8.53 9.77
C38 QFV C . 20.61 8.96 9.24
C39 QFV C . 20.59 9.85 8.18
C40 QFV C . 21.77 10.31 7.64
C41 QFV C . 22.97 9.88 8.17
C42 QFV C . 22.99 9.00 9.24
CL43 QFV C . 24.52 8.52 9.88
C1 GOL D . 11.15 17.95 3.87
O1 GOL D . 9.96 18.54 3.40
C2 GOL D . 12.30 18.96 3.76
O2 GOL D . 11.92 20.17 4.39
C3 GOL D . 13.54 18.36 4.42
O3 GOL D . 14.70 18.58 3.61
C4 QFV E . 4.95 23.84 -9.65
C5 QFV E . 6.29 23.91 -9.24
C6 QFV E . 7.27 23.32 -10.07
C7 QFV E . 6.90 22.68 -11.26
C10 QFV E . 9.04 21.77 -14.09
C13 QFV E . 7.79 24.07 -14.95
C15 QFV E . 9.75 20.55 -13.67
C17 QFV E . 10.52 18.98 -12.03
C22 QFV E . 11.62 18.37 -16.62
C24 QFV E . 12.84 17.77 -17.34
C26 QFV E . 11.40 17.48 -19.36
C28 QFV E . 10.32 17.84 -17.23
C1 QFV E . 5.08 21.95 -12.89
C2 QFV E . 5.57 22.62 -11.62
C3 QFV E . 4.61 23.21 -10.82
O8 QFV E . 7.91 22.13 -12.00
C9 QFV E . 8.19 22.54 -13.26
C11 QFV E . 9.27 22.23 -15.39
C12 QFV E . 8.62 23.39 -15.82
N14 QFV E . 7.60 23.64 -13.73
C16 QFV E . 9.82 20.13 -12.34
N18 QFV E . 11.11 18.31 -13.01
C19 QFV E . 11.04 18.73 -14.25
N20 QFV E . 10.38 19.81 -14.59
N21 QFV E . 11.68 17.98 -15.21
C25 QFV E . 12.73 18.02 -18.84
N27 QFV E . 10.29 18.15 -18.67
C29 QFV E . 8.63 23.37 -9.69
C30 QFV E . 8.96 23.99 -8.51
C31 QFV E . 7.99 24.58 -7.69
C32 QFV E . 6.67 24.54 -8.04
N33 QFV E . 5.69 25.14 -7.21
S34 QFV E . 4.64 24.28 -6.26
O35 QFV E . 3.45 25.05 -6.12
O36 QFV E . 4.63 22.94 -6.73
C37 QFV E . 5.43 24.20 -4.67
C38 QFV E . 5.90 22.98 -4.21
C39 QFV E . 6.51 22.90 -2.97
C40 QFV E . 6.68 24.03 -2.20
C41 QFV E . 6.23 25.26 -2.66
C42 QFV E . 5.61 25.34 -3.89
CL43 QFV E . 5.06 26.89 -4.45
#